data_2MDP
#
_entry.id   2MDP
#
_entity_poly.entity_id   1
_entity_poly.type   'polypeptide(L)'
_entity_poly.pdbx_seq_one_letter_code
;MGRLYSGNLAAFKAATNKLFQLDLAVIYDDWYDAYTRKDCIRLRIEDRSGNLIDTSTFYHHDEDVLFNMCTDWLNHMYDQ
LKDWK
;
_entity_poly.pdbx_strand_id   A
#
# COMPACT_ATOMS: atom_id res chain seq x y z
N MET A 1 1.41 -6.24 10.67
CA MET A 1 1.99 -6.51 12.02
C MET A 1 1.77 -5.31 12.93
N GLY A 2 1.94 -4.13 12.37
CA GLY A 2 1.78 -2.91 13.12
C GLY A 2 1.61 -1.72 12.22
N ARG A 3 1.36 -0.57 12.81
CA ARG A 3 1.16 0.64 12.05
C ARG A 3 2.04 1.77 12.59
N LEU A 4 2.76 2.44 11.69
CA LEU A 4 3.69 3.52 12.08
C LEU A 4 2.98 4.87 12.13
N TYR A 5 3.62 5.83 12.79
CA TYR A 5 3.08 7.17 12.91
C TYR A 5 4.13 8.21 12.50
N SER A 6 3.80 9.03 11.50
CA SER A 6 4.70 10.08 11.02
C SER A 6 3.92 11.14 10.25
N GLY A 7 4.57 12.28 9.98
CA GLY A 7 3.92 13.39 9.29
C GLY A 7 3.43 13.04 7.89
N ASN A 8 4.26 12.34 7.12
CA ASN A 8 3.89 11.96 5.74
C ASN A 8 2.77 10.93 5.72
N LEU A 9 2.50 10.35 6.87
CA LEU A 9 1.47 9.33 6.99
C LEU A 9 0.12 9.92 7.33
N ALA A 10 0.06 11.24 7.50
CA ALA A 10 -1.20 11.92 7.84
C ALA A 10 -2.27 11.66 6.80
N ALA A 11 -1.93 11.88 5.54
CA ALA A 11 -2.85 11.63 4.43
C ALA A 11 -3.01 10.13 4.20
N PHE A 12 -1.91 9.40 4.38
CA PHE A 12 -1.89 7.95 4.15
C PHE A 12 -2.92 7.24 5.03
N LYS A 13 -2.93 7.56 6.34
CA LYS A 13 -3.91 6.97 7.28
C LYS A 13 -5.36 7.13 6.83
N ALA A 14 -5.68 8.25 6.20
CA ALA A 14 -7.05 8.54 5.78
C ALA A 14 -7.57 7.51 4.77
N ALA A 15 -6.69 7.03 3.90
CA ALA A 15 -7.07 6.08 2.84
C ALA A 15 -7.61 4.76 3.40
N THR A 16 -7.08 4.35 4.56
CA THR A 16 -7.46 3.08 5.21
C THR A 16 -8.99 2.91 5.36
N ASN A 17 -9.69 3.99 5.68
CA ASN A 17 -11.15 3.93 5.90
C ASN A 17 -11.90 3.41 4.65
N LYS A 18 -11.34 3.71 3.47
CA LYS A 18 -11.94 3.29 2.19
C LYS A 18 -11.85 1.78 1.98
N LEU A 19 -10.75 1.20 2.44
CA LEU A 19 -10.41 -0.21 2.15
C LEU A 19 -11.53 -1.17 2.60
N PHE A 20 -12.02 -0.97 3.81
CA PHE A 20 -13.08 -1.82 4.34
C PHE A 20 -14.36 -1.69 3.51
N GLN A 21 -14.69 -0.45 3.15
CA GLN A 21 -15.94 -0.14 2.44
C GLN A 21 -15.96 -0.66 1.01
N LEU A 22 -14.82 -1.12 0.50
CA LEU A 22 -14.80 -1.65 -0.86
C LEU A 22 -14.61 -3.17 -0.82
N ASP A 23 -14.50 -3.70 0.40
CA ASP A 23 -14.41 -5.13 0.67
C ASP A 23 -13.14 -5.76 0.06
N LEU A 24 -11.98 -5.25 0.45
CA LEU A 24 -10.71 -5.79 -0.03
C LEU A 24 -9.69 -5.85 1.11
N ALA A 25 -8.52 -6.42 0.82
CA ALA A 25 -7.47 -6.54 1.82
C ALA A 25 -6.12 -6.18 1.22
N VAL A 26 -5.22 -5.65 2.05
CA VAL A 26 -3.90 -5.24 1.60
C VAL A 26 -2.86 -5.46 2.70
N ILE A 27 -1.71 -5.98 2.33
CA ILE A 27 -0.62 -6.20 3.27
C ILE A 27 0.71 -5.73 2.68
N TYR A 28 1.50 -5.08 3.50
CA TYR A 28 2.82 -4.64 3.06
C TYR A 28 3.92 -5.38 3.80
N ASP A 29 5.06 -5.53 3.15
CA ASP A 29 6.19 -6.25 3.73
C ASP A 29 7.42 -5.36 3.77
N ASP A 30 7.96 -5.17 4.97
CA ASP A 30 9.11 -4.31 5.19
C ASP A 30 9.88 -4.75 6.44
N TRP A 31 11.23 -4.80 6.30
CA TRP A 31 12.17 -5.11 7.41
C TRP A 31 12.55 -6.59 7.41
N TYR A 32 11.92 -7.33 6.51
CA TYR A 32 12.22 -8.74 6.36
C TYR A 32 12.79 -9.01 4.98
N ASP A 33 13.90 -9.73 4.93
CA ASP A 33 14.57 -10.05 3.67
C ASP A 33 15.33 -11.36 3.80
N ALA A 34 15.76 -11.92 2.67
CA ALA A 34 16.51 -13.16 2.66
C ALA A 34 17.97 -12.95 3.09
N TYR A 35 18.92 -13.20 2.19
CA TYR A 35 20.33 -13.10 2.52
C TYR A 35 20.92 -11.73 2.15
N THR A 36 20.24 -10.99 1.28
CA THR A 36 20.79 -9.73 0.78
C THR A 36 20.76 -8.61 1.81
N ARG A 37 19.74 -8.63 2.69
CA ARG A 37 19.58 -7.62 3.74
C ARG A 37 19.54 -6.20 3.15
N LYS A 38 18.55 -5.94 2.31
CA LYS A 38 18.41 -4.65 1.67
C LYS A 38 17.02 -4.05 1.92
N ASP A 39 16.99 -2.74 2.18
CA ASP A 39 15.73 -2.04 2.43
C ASP A 39 14.87 -2.00 1.17
N CYS A 40 13.56 -2.19 1.34
CA CYS A 40 12.62 -2.17 0.24
C CYS A 40 11.18 -2.03 0.75
N ILE A 41 10.28 -1.58 -0.12
CA ILE A 41 8.86 -1.42 0.25
C ILE A 41 8.01 -2.28 -0.67
N ARG A 42 7.47 -3.38 -0.15
CA ARG A 42 6.66 -4.28 -0.95
C ARG A 42 5.17 -4.15 -0.58
N LEU A 43 4.31 -3.90 -1.56
CA LEU A 43 2.88 -3.78 -1.33
C LEU A 43 2.12 -4.93 -2.05
N ARG A 44 1.31 -5.68 -1.30
CA ARG A 44 0.57 -6.82 -1.88
C ARG A 44 -0.94 -6.73 -1.59
N ILE A 45 -1.75 -7.02 -2.62
CA ILE A 45 -3.22 -6.98 -2.54
C ILE A 45 -3.78 -8.39 -2.77
N GLU A 46 -4.77 -8.83 -1.99
CA GLU A 46 -5.31 -10.18 -2.14
C GLU A 46 -6.74 -10.27 -1.58
N ASP A 47 -7.40 -11.41 -1.81
CA ASP A 47 -8.75 -11.66 -1.31
C ASP A 47 -8.68 -12.24 0.13
N ARG A 48 -9.76 -12.90 0.58
CA ARG A 48 -9.77 -13.47 1.91
C ARG A 48 -9.49 -14.97 1.81
N SER A 49 -10.00 -15.56 0.72
CA SER A 49 -9.91 -17.00 0.52
C SER A 49 -8.60 -17.40 -0.16
N GLY A 50 -8.30 -16.81 -1.32
CA GLY A 50 -7.08 -17.19 -2.01
C GLY A 50 -6.79 -16.38 -3.26
N ASN A 51 -7.84 -15.92 -3.95
CA ASN A 51 -7.65 -15.14 -5.19
C ASN A 51 -6.76 -13.93 -4.95
N LEU A 52 -5.57 -13.96 -5.54
CA LEU A 52 -4.63 -12.86 -5.43
C LEU A 52 -5.03 -11.76 -6.41
N ILE A 53 -4.88 -10.52 -5.99
CA ILE A 53 -5.30 -9.41 -6.83
C ILE A 53 -4.12 -8.81 -7.59
N ASP A 54 -3.13 -8.30 -6.87
CA ASP A 54 -1.97 -7.67 -7.50
C ASP A 54 -0.87 -7.37 -6.47
N THR A 55 0.28 -6.95 -6.94
CA THR A 55 1.41 -6.63 -6.06
C THR A 55 2.34 -5.60 -6.73
N SER A 56 3.04 -4.82 -5.93
CA SER A 56 3.99 -3.84 -6.46
C SER A 56 5.14 -3.62 -5.47
N THR A 57 6.35 -3.44 -5.99
CA THR A 57 7.52 -3.19 -5.16
C THR A 57 8.09 -1.82 -5.48
N PHE A 58 8.32 -1.02 -4.44
CA PHE A 58 8.79 0.35 -4.63
C PHE A 58 10.21 0.57 -4.09
N TYR A 59 11.06 1.13 -4.94
CA TYR A 59 12.39 1.59 -4.55
C TYR A 59 12.75 2.75 -5.46
N HIS A 60 13.12 3.88 -4.88
CA HIS A 60 13.34 5.09 -5.66
C HIS A 60 13.91 6.19 -4.74
N HIS A 61 13.72 7.44 -5.14
CA HIS A 61 14.11 8.61 -4.36
C HIS A 61 13.33 8.60 -3.03
N ASP A 62 13.78 9.44 -2.10
CA ASP A 62 13.32 9.49 -0.68
C ASP A 62 11.79 9.33 -0.44
N GLU A 63 11.44 9.39 0.85
CA GLU A 63 10.11 9.01 1.35
C GLU A 63 8.96 9.81 0.74
N ASP A 64 9.16 11.10 0.49
CA ASP A 64 8.10 11.94 -0.05
C ASP A 64 7.56 11.40 -1.37
N VAL A 65 8.45 11.20 -2.32
CA VAL A 65 8.07 10.64 -3.61
C VAL A 65 7.61 9.18 -3.47
N LEU A 66 8.24 8.44 -2.55
CA LEU A 66 7.94 7.02 -2.36
C LEU A 66 6.48 6.85 -1.91
N PHE A 67 6.13 7.48 -0.79
CA PHE A 67 4.75 7.45 -0.31
C PHE A 67 3.74 8.00 -1.31
N ASN A 68 4.11 9.04 -2.05
CA ASN A 68 3.21 9.60 -3.07
C ASN A 68 2.83 8.53 -4.09
N MET A 69 3.84 7.81 -4.56
CA MET A 69 3.61 6.71 -5.49
C MET A 69 2.72 5.63 -4.88
N CYS A 70 2.98 5.27 -3.62
CA CYS A 70 2.20 4.24 -2.92
C CYS A 70 0.72 4.64 -2.75
N THR A 71 0.47 5.83 -2.23
CA THR A 71 -0.91 6.28 -2.01
C THR A 71 -1.66 6.46 -3.33
N ASP A 72 -0.92 6.84 -4.38
CA ASP A 72 -1.51 7.05 -5.70
C ASP A 72 -2.14 5.78 -6.25
N TRP A 73 -1.37 4.69 -6.29
CA TRP A 73 -1.83 3.43 -6.83
C TRP A 73 -3.02 2.86 -6.04
N LEU A 74 -3.00 3.04 -4.71
CA LEU A 74 -4.10 2.55 -3.87
C LEU A 74 -5.43 3.21 -4.25
N ASN A 75 -5.39 4.52 -4.49
CA ASN A 75 -6.59 5.27 -4.88
C ASN A 75 -7.05 4.83 -6.28
N HIS A 76 -6.09 4.44 -7.09
CA HIS A 76 -6.32 4.01 -8.48
C HIS A 76 -7.34 2.87 -8.59
N MET A 77 -7.24 1.87 -7.73
CA MET A 77 -8.13 0.70 -7.84
C MET A 77 -9.55 0.97 -7.31
N TYR A 78 -9.70 1.98 -6.46
CA TYR A 78 -11.00 2.27 -5.84
C TYR A 78 -12.12 2.42 -6.88
N ASP A 79 -11.93 3.33 -7.81
CA ASP A 79 -12.95 3.60 -8.83
C ASP A 79 -13.21 2.39 -9.72
N GLN A 80 -12.14 1.74 -10.10
CA GLN A 80 -12.19 0.55 -10.96
C GLN A 80 -13.08 -0.56 -10.38
N LEU A 81 -12.98 -0.81 -9.08
CA LEU A 81 -13.80 -1.85 -8.43
C LEU A 81 -15.17 -1.30 -8.05
N LYS A 82 -15.32 0.00 -8.18
CA LYS A 82 -16.59 0.66 -7.88
C LYS A 82 -17.53 0.60 -9.07
N ASP A 83 -16.98 0.28 -10.23
CA ASP A 83 -17.79 0.15 -11.44
C ASP A 83 -18.31 -1.27 -11.58
N TRP A 84 -17.49 -2.23 -11.20
CA TRP A 84 -17.84 -3.63 -11.32
C TRP A 84 -18.57 -4.12 -10.08
N LYS A 85 -19.76 -4.69 -10.31
CA LYS A 85 -20.65 -5.25 -9.25
C LYS A 85 -20.38 -4.69 -7.86
N MET A 1 3.69 -4.32 11.14
CA MET A 1 2.23 -4.07 10.97
C MET A 1 1.93 -2.57 11.06
N GLY A 2 2.47 -1.93 12.08
CA GLY A 2 2.25 -0.52 12.28
C GLY A 2 3.50 0.18 12.73
N ARG A 3 4.55 0.07 11.94
CA ARG A 3 5.84 0.66 12.26
C ARG A 3 5.78 2.18 12.27
N LEU A 4 4.97 2.73 11.37
CA LEU A 4 4.79 4.17 11.30
C LEU A 4 3.40 4.53 11.77
N TYR A 5 3.28 5.65 12.48
CA TYR A 5 1.99 6.10 12.97
C TYR A 5 1.68 7.53 12.50
N SER A 6 2.73 8.29 12.20
CA SER A 6 2.56 9.66 11.75
C SER A 6 3.82 10.13 11.02
N GLY A 7 3.74 11.32 10.44
CA GLY A 7 4.88 11.89 9.74
C GLY A 7 4.87 11.57 8.26
N ASN A 8 4.20 10.49 7.91
CA ASN A 8 4.14 10.04 6.51
C ASN A 8 2.76 9.45 6.21
N LEU A 9 1.95 9.25 7.25
CA LEU A 9 0.67 8.59 7.09
C LEU A 9 -0.50 9.55 7.06
N ALA A 10 -0.23 10.85 7.00
CA ALA A 10 -1.29 11.86 7.00
C ALA A 10 -2.31 11.61 5.89
N ALA A 11 -1.82 11.39 4.68
CA ALA A 11 -2.69 11.09 3.54
C ALA A 11 -3.08 9.62 3.51
N PHE A 12 -2.22 8.79 4.08
CA PHE A 12 -2.40 7.35 4.09
C PHE A 12 -3.69 6.97 4.83
N LYS A 13 -3.91 7.60 5.99
CA LYS A 13 -5.10 7.34 6.82
C LYS A 13 -6.39 7.65 6.08
N ALA A 14 -6.37 8.71 5.30
CA ALA A 14 -7.54 9.11 4.53
C ALA A 14 -7.94 8.01 3.54
N ALA A 15 -6.94 7.34 3.00
CA ALA A 15 -7.16 6.24 2.07
C ALA A 15 -7.53 4.96 2.82
N THR A 16 -7.12 4.87 4.08
CA THR A 16 -7.36 3.70 4.93
C THR A 16 -8.86 3.38 5.08
N ASN A 17 -9.67 4.41 5.28
CA ASN A 17 -11.12 4.25 5.47
C ASN A 17 -11.75 3.53 4.27
N LYS A 18 -11.30 3.90 3.08
CA LYS A 18 -11.75 3.30 1.82
C LYS A 18 -11.64 1.78 1.81
N LEU A 19 -10.56 1.24 2.42
CA LEU A 19 -10.34 -0.22 2.44
C LEU A 19 -11.49 -0.92 3.16
N PHE A 20 -11.91 -0.35 4.27
CA PHE A 20 -13.00 -0.89 5.06
C PHE A 20 -14.29 -0.86 4.26
N GLN A 21 -14.50 0.24 3.54
CA GLN A 21 -15.71 0.42 2.75
C GLN A 21 -15.90 -0.69 1.73
N LEU A 22 -14.87 -0.99 0.94
CA LEU A 22 -14.97 -2.04 -0.09
C LEU A 22 -14.70 -3.44 0.45
N ASP A 23 -14.49 -3.57 1.76
CA ASP A 23 -14.21 -4.88 2.39
C ASP A 23 -12.93 -5.51 1.82
N LEU A 24 -11.83 -4.79 1.94
CA LEU A 24 -10.55 -5.27 1.44
C LEU A 24 -9.42 -4.87 2.40
N ALA A 25 -8.19 -5.31 2.10
CA ALA A 25 -7.05 -5.05 2.98
C ALA A 25 -5.75 -5.07 2.19
N VAL A 26 -4.71 -4.48 2.76
CA VAL A 26 -3.39 -4.43 2.14
C VAL A 26 -2.32 -4.80 3.18
N ILE A 27 -1.25 -5.43 2.74
CA ILE A 27 -0.16 -5.81 3.62
C ILE A 27 1.17 -5.36 3.03
N TYR A 28 2.04 -4.83 3.88
CA TYR A 28 3.35 -4.41 3.41
C TYR A 28 4.45 -5.22 4.08
N ASP A 29 5.31 -5.76 3.25
CA ASP A 29 6.44 -6.54 3.70
C ASP A 29 7.72 -5.78 3.43
N ASP A 30 8.73 -5.98 4.28
CA ASP A 30 10.03 -5.34 4.13
C ASP A 30 11.05 -6.11 4.97
N TRP A 31 12.07 -6.67 4.32
CA TRP A 31 13.11 -7.45 5.00
C TRP A 31 14.29 -7.58 4.06
N TYR A 32 15.49 -7.43 4.58
CA TYR A 32 16.68 -7.62 3.77
C TYR A 32 17.26 -8.99 4.05
N ASP A 33 16.68 -10.00 3.41
CA ASP A 33 17.06 -11.37 3.64
C ASP A 33 17.72 -11.97 2.40
N ALA A 34 17.34 -11.47 1.23
CA ALA A 34 17.85 -12.01 -0.03
C ALA A 34 19.35 -11.79 -0.19
N TYR A 35 20.10 -12.84 0.08
CA TYR A 35 21.55 -12.82 -0.06
C TYR A 35 22.00 -12.32 -1.45
N THR A 36 21.41 -12.87 -2.50
CA THR A 36 21.79 -12.49 -3.87
C THR A 36 20.95 -11.31 -4.43
N ARG A 37 20.01 -10.77 -3.65
CA ARG A 37 19.12 -9.70 -4.16
C ARG A 37 19.02 -8.54 -3.18
N LYS A 38 18.29 -7.50 -3.57
CA LYS A 38 18.04 -6.35 -2.74
C LYS A 38 16.69 -5.72 -3.07
N ASP A 39 15.85 -5.55 -2.06
CA ASP A 39 14.53 -4.93 -2.21
C ASP A 39 14.20 -4.10 -0.98
N CYS A 40 13.02 -3.51 -0.91
CA CYS A 40 12.66 -2.67 0.23
C CYS A 40 11.18 -2.79 0.63
N ILE A 41 10.31 -2.00 -0.01
CA ILE A 41 8.89 -1.97 0.35
C ILE A 41 8.06 -2.75 -0.67
N ARG A 42 7.36 -3.78 -0.19
CA ARG A 42 6.55 -4.62 -1.07
C ARG A 42 5.06 -4.61 -0.64
N LEU A 43 4.19 -4.10 -1.53
CA LEU A 43 2.73 -4.11 -1.29
C LEU A 43 2.09 -5.30 -1.99
N ARG A 44 1.32 -6.08 -1.26
CA ARG A 44 0.63 -7.21 -1.85
C ARG A 44 -0.88 -7.19 -1.54
N ILE A 45 -1.69 -7.18 -2.60
CA ILE A 45 -3.14 -7.24 -2.47
C ILE A 45 -3.61 -8.61 -2.94
N GLU A 46 -4.43 -9.29 -2.16
CA GLU A 46 -4.89 -10.60 -2.54
C GLU A 46 -6.26 -10.85 -1.92
N ASP A 47 -7.09 -11.58 -2.64
CA ASP A 47 -8.44 -11.88 -2.18
C ASP A 47 -8.45 -13.16 -1.34
N ARG A 48 -9.58 -13.44 -0.71
CA ARG A 48 -9.76 -14.63 0.12
C ARG A 48 -9.94 -15.89 -0.75
N SER A 49 -9.68 -15.76 -2.03
CA SER A 49 -9.83 -16.84 -2.96
C SER A 49 -8.60 -16.94 -3.85
N GLY A 50 -8.43 -18.09 -4.49
CA GLY A 50 -7.28 -18.32 -5.36
C GLY A 50 -7.35 -17.52 -6.67
N ASN A 51 -7.46 -16.21 -6.56
CA ASN A 51 -7.55 -15.34 -7.73
C ASN A 51 -6.31 -14.45 -7.88
N LEU A 52 -5.50 -14.33 -6.80
CA LEU A 52 -4.25 -13.49 -6.78
C LEU A 52 -4.44 -12.12 -7.48
N ILE A 53 -4.66 -11.06 -6.68
CA ILE A 53 -4.99 -9.76 -7.25
C ILE A 53 -3.78 -9.02 -7.85
N ASP A 54 -2.81 -8.62 -7.01
CA ASP A 54 -1.65 -7.88 -7.54
C ASP A 54 -0.51 -7.77 -6.51
N THR A 55 0.67 -7.39 -7.01
CA THR A 55 1.86 -7.20 -6.20
C THR A 55 2.66 -6.02 -6.75
N SER A 56 3.25 -5.23 -5.86
CA SER A 56 4.05 -4.09 -6.29
C SER A 56 5.25 -3.87 -5.36
N THR A 57 6.43 -3.72 -5.95
CA THR A 57 7.66 -3.50 -5.19
C THR A 57 8.18 -2.07 -5.41
N PHE A 58 8.47 -1.35 -4.34
CA PHE A 58 8.89 0.05 -4.45
C PHE A 58 10.21 0.33 -3.70
N TYR A 59 11.17 0.88 -4.43
CA TYR A 59 12.43 1.37 -3.87
C TYR A 59 13.06 2.35 -4.85
N HIS A 60 13.26 3.59 -4.42
CA HIS A 60 13.77 4.63 -5.33
C HIS A 60 14.19 5.89 -4.53
N HIS A 61 13.76 7.05 -5.03
CA HIS A 61 14.05 8.35 -4.42
C HIS A 61 13.42 8.46 -3.03
N ASP A 62 13.83 9.49 -2.27
CA ASP A 62 13.42 9.73 -0.86
C ASP A 62 11.93 9.41 -0.60
N GLU A 63 11.54 9.39 0.66
CA GLU A 63 10.27 8.82 1.07
C GLU A 63 9.09 9.69 0.64
N ASP A 64 9.37 10.97 0.43
CA ASP A 64 8.34 11.91 0.01
C ASP A 64 7.68 11.42 -1.27
N VAL A 65 8.52 11.09 -2.24
CA VAL A 65 8.05 10.60 -3.52
C VAL A 65 7.46 9.19 -3.40
N LEU A 66 8.15 8.34 -2.63
CA LEU A 66 7.78 6.92 -2.48
C LEU A 66 6.36 6.79 -1.86
N PHE A 67 6.11 7.54 -0.82
CA PHE A 67 4.83 7.49 -0.13
C PHE A 67 3.72 8.13 -0.96
N ASN A 68 4.04 9.27 -1.55
CA ASN A 68 3.09 9.98 -2.40
C ASN A 68 2.61 9.10 -3.57
N MET A 69 3.51 8.35 -4.19
CA MET A 69 3.11 7.44 -5.28
C MET A 69 2.21 6.30 -4.77
N CYS A 70 2.63 5.69 -3.67
CA CYS A 70 1.88 4.56 -3.06
C CYS A 70 0.43 4.92 -2.75
N THR A 71 0.20 5.96 -1.94
CA THR A 71 -1.16 6.41 -1.64
C THR A 71 -1.99 6.64 -2.90
N ASP A 72 -1.36 7.17 -3.96
CA ASP A 72 -2.07 7.41 -5.21
C ASP A 72 -2.56 6.09 -5.82
N TRP A 73 -1.63 5.14 -6.00
CA TRP A 73 -1.96 3.81 -6.51
C TRP A 73 -3.06 3.10 -5.69
N LEU A 74 -3.04 3.22 -4.37
CA LEU A 74 -4.06 2.55 -3.56
C LEU A 74 -5.48 3.05 -3.89
N ASN A 75 -5.66 4.37 -3.93
CA ASN A 75 -6.97 4.98 -4.27
C ASN A 75 -7.35 4.72 -5.72
N HIS A 76 -6.35 4.53 -6.55
CA HIS A 76 -6.52 4.33 -7.99
C HIS A 76 -7.45 3.14 -8.34
N MET A 77 -7.32 2.03 -7.63
CA MET A 77 -8.10 0.83 -7.96
C MET A 77 -9.57 0.92 -7.54
N TYR A 78 -9.87 1.78 -6.58
CA TYR A 78 -11.24 1.88 -6.03
C TYR A 78 -12.29 2.27 -7.07
N ASP A 79 -11.98 3.23 -7.90
CA ASP A 79 -12.94 3.71 -8.89
C ASP A 79 -13.31 2.61 -9.88
N GLN A 80 -12.33 1.82 -10.28
CA GLN A 80 -12.55 0.73 -11.21
C GLN A 80 -13.45 -0.34 -10.57
N LEU A 81 -13.20 -0.66 -9.30
CA LEU A 81 -13.95 -1.68 -8.59
C LEU A 81 -15.42 -1.30 -8.45
N LYS A 82 -15.68 -0.03 -8.17
CA LYS A 82 -17.04 0.49 -8.00
C LYS A 82 -17.89 0.31 -9.26
N ASP A 83 -17.31 0.54 -10.42
CA ASP A 83 -18.05 0.39 -11.68
C ASP A 83 -17.89 -1.00 -12.25
N TRP A 84 -17.43 -1.91 -11.43
CA TRP A 84 -17.24 -3.29 -11.84
C TRP A 84 -18.27 -4.18 -11.16
N LYS A 85 -19.20 -4.69 -11.94
CA LYS A 85 -20.26 -5.56 -11.42
C LYS A 85 -19.96 -7.02 -11.73
N MET A 1 -10.07 17.97 3.30
CA MET A 1 -9.39 18.24 4.59
C MET A 1 -10.07 17.50 5.73
N GLY A 2 -9.66 17.80 6.96
CA GLY A 2 -10.22 17.15 8.11
C GLY A 2 -9.20 17.03 9.22
N ARG A 3 -9.41 16.10 10.14
CA ARG A 3 -8.47 15.89 11.22
C ARG A 3 -7.23 15.19 10.68
N LEU A 4 -6.13 15.91 10.63
CA LEU A 4 -4.90 15.36 10.10
C LEU A 4 -4.04 14.82 11.22
N TYR A 5 -3.80 13.52 11.18
CA TYR A 5 -3.01 12.85 12.20
C TYR A 5 -1.56 13.32 12.16
N SER A 6 -0.99 13.35 10.95
CA SER A 6 0.39 13.77 10.74
C SER A 6 0.59 14.13 9.26
N GLY A 7 1.69 14.79 8.94
CA GLY A 7 1.97 15.15 7.54
C GLY A 7 2.45 13.96 6.72
N ASN A 8 2.73 12.88 7.42
CA ASN A 8 3.17 11.63 6.79
C ASN A 8 2.07 10.59 6.84
N LEU A 9 1.07 10.86 7.65
CA LEU A 9 -0.04 9.94 7.84
C LEU A 9 -1.37 10.48 7.34
N ALA A 10 -1.36 11.69 6.81
CA ALA A 10 -2.59 12.36 6.35
C ALA A 10 -3.28 11.57 5.24
N ALA A 11 -2.54 11.26 4.19
CA ALA A 11 -3.09 10.53 3.07
C ALA A 11 -3.10 9.03 3.33
N PHE A 12 -2.09 8.57 4.04
CA PHE A 12 -1.93 7.13 4.31
C PHE A 12 -3.14 6.57 5.06
N LYS A 13 -3.47 7.14 6.22
CA LYS A 13 -4.62 6.71 6.99
C LYS A 13 -5.95 6.94 6.27
N ALA A 14 -6.04 8.03 5.52
CA ALA A 14 -7.25 8.36 4.79
C ALA A 14 -7.60 7.26 3.79
N ALA A 15 -6.59 6.71 3.14
CA ALA A 15 -6.78 5.64 2.19
C ALA A 15 -7.26 4.36 2.87
N THR A 16 -6.73 4.11 4.08
CA THR A 16 -7.09 2.91 4.85
C THR A 16 -8.58 2.90 5.20
N ASN A 17 -9.10 4.07 5.54
CA ASN A 17 -10.50 4.23 5.94
C ASN A 17 -11.43 3.74 4.83
N LYS A 18 -11.03 3.96 3.59
CA LYS A 18 -11.80 3.55 2.42
C LYS A 18 -11.89 2.01 2.29
N LEU A 19 -10.81 1.32 2.68
CA LEU A 19 -10.72 -0.15 2.54
C LEU A 19 -11.88 -0.84 3.24
N PHE A 20 -12.23 -0.36 4.42
CA PHE A 20 -13.32 -0.95 5.20
C PHE A 20 -14.63 -0.87 4.42
N GLN A 21 -14.85 0.27 3.79
CA GLN A 21 -16.07 0.54 3.06
C GLN A 21 -16.26 -0.32 1.82
N LEU A 22 -15.18 -0.83 1.22
CA LEU A 22 -15.34 -1.62 0.01
C LEU A 22 -14.96 -3.09 0.28
N ASP A 23 -14.61 -3.38 1.54
CA ASP A 23 -14.27 -4.74 2.00
C ASP A 23 -12.92 -5.20 1.44
N LEU A 24 -11.95 -4.29 1.37
CA LEU A 24 -10.63 -4.61 0.82
C LEU A 24 -9.53 -4.49 1.89
N ALA A 25 -8.38 -5.07 1.59
CA ALA A 25 -7.23 -5.04 2.50
C ALA A 25 -5.91 -5.01 1.72
N VAL A 26 -4.83 -4.62 2.39
CA VAL A 26 -3.50 -4.53 1.78
C VAL A 26 -2.42 -4.90 2.80
N ILE A 27 -1.42 -5.66 2.38
CA ILE A 27 -0.33 -6.03 3.26
C ILE A 27 1.02 -5.70 2.62
N TYR A 28 1.89 -5.06 3.37
CA TYR A 28 3.19 -4.67 2.86
C TYR A 28 4.33 -5.58 3.37
N ASP A 29 5.28 -5.82 2.49
CA ASP A 29 6.48 -6.62 2.80
C ASP A 29 7.51 -5.78 3.52
N ASP A 30 8.53 -6.44 4.06
CA ASP A 30 9.57 -5.78 4.83
C ASP A 30 10.95 -6.13 4.29
N TRP A 31 11.88 -5.22 4.47
CA TRP A 31 13.24 -5.41 3.96
C TRP A 31 14.27 -4.84 4.91
N TYR A 32 14.80 -5.68 5.79
CA TYR A 32 15.84 -5.27 6.72
C TYR A 32 17.22 -5.65 6.18
N ASP A 33 17.25 -6.50 5.17
CA ASP A 33 18.49 -6.92 4.54
C ASP A 33 19.00 -5.82 3.63
N ALA A 34 20.32 -5.64 3.62
CA ALA A 34 20.96 -4.57 2.86
C ALA A 34 20.52 -3.22 3.41
N TYR A 35 21.14 -2.84 4.51
CA TYR A 35 20.80 -1.61 5.22
C TYR A 35 21.71 -0.47 4.79
N THR A 36 22.66 -0.78 3.91
CA THR A 36 23.72 0.13 3.49
C THR A 36 23.26 1.35 2.66
N ARG A 37 22.04 1.89 2.98
CA ARG A 37 21.48 3.14 2.38
C ARG A 37 20.56 2.84 1.19
N LYS A 38 19.81 1.75 1.27
CA LYS A 38 18.86 1.40 0.23
C LYS A 38 17.76 0.49 0.78
N ASP A 39 16.57 1.06 0.93
CA ASP A 39 15.41 0.31 1.46
C ASP A 39 14.40 0.04 0.35
N CYS A 40 13.51 -0.91 0.58
CA CYS A 40 12.50 -1.27 -0.40
C CYS A 40 11.14 -1.47 0.27
N ILE A 41 10.07 -1.36 -0.53
CA ILE A 41 8.70 -1.52 -0.04
C ILE A 41 7.83 -2.19 -1.11
N ARG A 42 7.05 -3.18 -0.71
CA ARG A 42 6.17 -3.88 -1.64
C ARG A 42 4.73 -3.86 -1.15
N LEU A 43 3.81 -3.67 -2.08
CA LEU A 43 2.39 -3.67 -1.79
C LEU A 43 1.79 -4.97 -2.30
N ARG A 44 1.30 -5.77 -1.38
CA ARG A 44 0.72 -7.06 -1.72
C ARG A 44 -0.77 -7.11 -1.39
N ILE A 45 -1.57 -7.45 -2.38
CA ILE A 45 -3.01 -7.57 -2.22
C ILE A 45 -3.40 -9.03 -2.43
N GLU A 46 -4.16 -9.59 -1.51
CA GLU A 46 -4.54 -10.99 -1.61
C GLU A 46 -6.02 -11.16 -1.35
N ASP A 47 -6.53 -12.32 -1.67
CA ASP A 47 -7.93 -12.62 -1.51
C ASP A 47 -8.20 -13.48 -0.27
N ARG A 48 -9.34 -13.25 0.31
CA ARG A 48 -9.78 -13.90 1.54
C ARG A 48 -10.17 -15.37 1.36
N SER A 49 -9.84 -15.96 0.23
CA SER A 49 -10.16 -17.35 -0.03
C SER A 49 -8.91 -18.07 -0.55
N GLY A 50 -7.76 -17.46 -0.29
CA GLY A 50 -6.49 -18.03 -0.72
C GLY A 50 -5.95 -17.40 -1.99
N ASN A 51 -6.86 -16.94 -2.86
CA ASN A 51 -6.50 -16.28 -4.12
C ASN A 51 -5.63 -15.03 -3.91
N LEU A 52 -5.14 -14.49 -5.00
CA LEU A 52 -4.29 -13.30 -4.95
C LEU A 52 -4.87 -12.23 -5.88
N ILE A 53 -4.75 -10.96 -5.50
CA ILE A 53 -5.34 -9.89 -6.29
C ILE A 53 -4.29 -9.20 -7.16
N ASP A 54 -3.28 -8.60 -6.54
CA ASP A 54 -2.23 -7.90 -7.27
C ASP A 54 -1.03 -7.64 -6.36
N THR A 55 0.09 -7.25 -6.95
CA THR A 55 1.29 -6.97 -6.19
C THR A 55 2.16 -5.94 -6.93
N SER A 56 2.87 -5.10 -6.20
CA SER A 56 3.75 -4.11 -6.79
C SER A 56 4.92 -3.81 -5.86
N THR A 57 6.10 -3.59 -6.42
CA THR A 57 7.29 -3.30 -5.63
C THR A 57 7.89 -1.95 -6.02
N PHE A 58 8.20 -1.12 -5.03
CA PHE A 58 8.79 0.18 -5.27
C PHE A 58 10.06 0.35 -4.44
N TYR A 59 11.10 0.91 -5.05
CA TYR A 59 12.33 1.19 -4.34
C TYR A 59 12.98 2.46 -4.87
N HIS A 60 13.27 3.37 -3.96
CA HIS A 60 13.92 4.63 -4.29
C HIS A 60 14.26 5.32 -2.98
N HIS A 61 15.47 5.85 -2.85
CA HIS A 61 15.82 6.48 -1.59
C HIS A 61 15.40 7.94 -1.57
N ASP A 62 14.12 8.17 -1.37
CA ASP A 62 13.55 9.49 -1.16
C ASP A 62 12.38 9.38 -0.21
N GLU A 63 12.50 9.90 0.98
CA GLU A 63 11.44 9.78 1.98
C GLU A 63 10.11 10.40 1.50
N ASP A 64 10.20 11.59 0.91
CA ASP A 64 9.00 12.34 0.51
C ASP A 64 8.29 11.68 -0.67
N VAL A 65 9.03 11.48 -1.73
CA VAL A 65 8.49 10.89 -2.96
C VAL A 65 7.96 9.47 -2.73
N LEU A 66 8.67 8.68 -1.92
CA LEU A 66 8.35 7.27 -1.74
C LEU A 66 6.88 7.06 -1.28
N PHE A 67 6.49 7.69 -0.17
CA PHE A 67 5.11 7.54 0.33
C PHE A 67 4.07 8.09 -0.64
N ASN A 68 4.37 9.22 -1.30
CA ASN A 68 3.42 9.82 -2.24
C ASN A 68 3.07 8.85 -3.37
N MET A 69 4.11 8.24 -3.96
CA MET A 69 3.91 7.23 -5.02
C MET A 69 3.09 6.04 -4.51
N CYS A 70 3.39 5.60 -3.30
CA CYS A 70 2.74 4.43 -2.71
C CYS A 70 1.25 4.65 -2.43
N THR A 71 0.91 5.80 -1.87
CA THR A 71 -0.48 6.08 -1.54
C THR A 71 -1.31 6.39 -2.79
N ASP A 72 -0.66 6.94 -3.80
CA ASP A 72 -1.34 7.33 -5.03
C ASP A 72 -1.99 6.15 -5.76
N TRP A 73 -1.21 5.08 -6.01
CA TRP A 73 -1.69 3.88 -6.71
C TRP A 73 -2.91 3.22 -6.04
N LEU A 74 -2.99 3.34 -4.73
CA LEU A 74 -4.06 2.68 -3.97
C LEU A 74 -5.44 3.21 -4.37
N ASN A 75 -5.50 4.50 -4.62
CA ASN A 75 -6.75 5.19 -4.95
C ASN A 75 -7.38 4.71 -6.26
N HIS A 76 -6.54 4.41 -7.25
CA HIS A 76 -7.02 4.07 -8.62
C HIS A 76 -7.90 2.81 -8.65
N MET A 77 -7.63 1.85 -7.78
CA MET A 77 -8.37 0.58 -7.83
C MET A 77 -9.78 0.70 -7.25
N TYR A 78 -10.02 1.70 -6.40
CA TYR A 78 -11.33 1.83 -5.74
C TYR A 78 -12.50 1.99 -6.72
N ASP A 79 -12.46 3.02 -7.56
CA ASP A 79 -13.60 3.34 -8.45
C ASP A 79 -13.85 2.26 -9.50
N GLN A 80 -12.78 1.80 -10.11
CA GLN A 80 -12.85 0.76 -11.14
C GLN A 80 -13.68 -0.47 -10.70
N LEU A 81 -13.54 -0.88 -9.46
CA LEU A 81 -14.31 -2.02 -8.98
C LEU A 81 -15.81 -1.75 -9.01
N LYS A 82 -16.21 -0.57 -8.51
CA LYS A 82 -17.63 -0.15 -8.57
C LYS A 82 -18.13 -0.11 -10.02
N ASP A 83 -17.29 0.36 -10.91
CA ASP A 83 -17.67 0.50 -12.31
C ASP A 83 -17.98 -0.85 -12.96
N TRP A 84 -17.22 -1.88 -12.60
CA TRP A 84 -17.43 -3.20 -13.20
C TRP A 84 -17.50 -4.30 -12.13
N LYS A 85 -18.35 -4.08 -11.12
CA LYS A 85 -18.56 -5.06 -10.02
C LYS A 85 -17.26 -5.63 -9.45
N MET A 1 7.80 3.51 11.80
CA MET A 1 7.68 2.88 13.14
C MET A 1 8.90 3.22 14.01
N GLY A 2 10.06 3.38 13.36
CA GLY A 2 11.27 3.70 14.08
C GLY A 2 11.27 5.12 14.60
N ARG A 3 11.34 6.07 13.69
CA ARG A 3 11.35 7.48 14.04
C ARG A 3 10.68 8.29 12.93
N LEU A 4 9.99 9.35 13.32
CA LEU A 4 9.29 10.20 12.36
C LEU A 4 9.58 11.67 12.65
N TYR A 5 9.32 12.52 11.68
CA TYR A 5 9.53 13.95 11.87
C TYR A 5 8.48 14.76 11.10
N SER A 6 8.60 14.79 9.80
CA SER A 6 7.68 15.53 8.95
C SER A 6 6.36 14.77 8.78
N GLY A 7 5.31 15.50 8.39
CA GLY A 7 4.02 14.88 8.18
C GLY A 7 4.00 13.99 6.96
N ASN A 8 3.21 12.94 7.02
CA ASN A 8 3.12 11.94 5.94
C ASN A 8 2.05 10.89 6.22
N LEU A 9 2.04 10.39 7.44
CA LEU A 9 1.09 9.36 7.85
C LEU A 9 -0.34 9.86 7.83
N ALA A 10 -0.51 11.16 8.00
CA ALA A 10 -1.84 11.75 7.99
C ALA A 10 -2.59 11.40 6.70
N ALA A 11 -1.91 11.57 5.56
CA ALA A 11 -2.49 11.23 4.27
C ALA A 11 -2.57 9.71 4.10
N PHE A 12 -1.52 9.03 4.54
CA PHE A 12 -1.43 7.58 4.44
C PHE A 12 -2.57 6.85 5.19
N LYS A 13 -2.84 7.25 6.44
CA LYS A 13 -3.87 6.60 7.26
C LYS A 13 -5.25 6.69 6.64
N ALA A 14 -5.55 7.81 6.00
CA ALA A 14 -6.87 8.07 5.42
C ALA A 14 -7.29 6.98 4.40
N ALA A 15 -6.30 6.37 3.76
CA ALA A 15 -6.56 5.33 2.78
C ALA A 15 -7.15 4.06 3.43
N THR A 16 -6.81 3.85 4.69
CA THR A 16 -7.23 2.65 5.44
C THR A 16 -8.75 2.54 5.52
N ASN A 17 -9.41 3.64 5.85
CA ASN A 17 -10.86 3.65 6.01
C ASN A 17 -11.56 3.32 4.69
N LYS A 18 -10.97 3.77 3.59
CA LYS A 18 -11.58 3.57 2.29
C LYS A 18 -11.48 2.10 1.87
N LEU A 19 -10.35 1.48 2.21
CA LEU A 19 -10.09 0.07 1.88
C LEU A 19 -11.13 -0.83 2.55
N PHE A 20 -11.41 -0.53 3.81
CA PHE A 20 -12.38 -1.28 4.59
C PHE A 20 -13.75 -1.18 3.94
N GLN A 21 -14.09 0.01 3.49
CA GLN A 21 -15.39 0.29 2.92
C GLN A 21 -15.70 -0.51 1.66
N LEU A 22 -14.72 -1.19 1.04
CA LEU A 22 -15.00 -1.95 -0.16
C LEU A 22 -14.85 -3.46 0.14
N ASP A 23 -14.49 -3.75 1.40
CA ASP A 23 -14.34 -5.14 1.89
C ASP A 23 -13.15 -5.87 1.26
N LEU A 24 -11.96 -5.30 1.38
CA LEU A 24 -10.75 -5.93 0.85
C LEU A 24 -9.59 -5.84 1.86
N ALA A 25 -8.53 -6.59 1.61
CA ALA A 25 -7.38 -6.62 2.51
C ALA A 25 -6.10 -6.11 1.83
N VAL A 26 -5.20 -5.56 2.64
CA VAL A 26 -3.93 -5.02 2.15
C VAL A 26 -2.80 -5.44 3.08
N ILE A 27 -1.70 -5.95 2.53
CA ILE A 27 -0.56 -6.38 3.34
C ILE A 27 0.78 -5.88 2.77
N TYR A 28 1.60 -5.29 3.63
CA TYR A 28 2.91 -4.78 3.25
C TYR A 28 4.01 -5.39 4.11
N ASP A 29 5.23 -5.36 3.59
CA ASP A 29 6.41 -5.92 4.28
C ASP A 29 7.64 -5.08 4.06
N ASP A 30 8.50 -5.00 5.07
CA ASP A 30 9.78 -4.29 4.99
C ASP A 30 10.82 -4.93 5.90
N TRP A 31 11.90 -5.42 5.30
CA TRP A 31 13.00 -5.95 6.08
C TRP A 31 14.32 -5.36 5.62
N TYR A 32 14.84 -4.44 6.39
CA TYR A 32 16.13 -3.82 6.10
C TYR A 32 17.19 -4.39 7.04
N ASP A 33 18.26 -4.92 6.46
CA ASP A 33 19.30 -5.60 7.24
C ASP A 33 20.11 -4.67 8.13
N ALA A 34 20.44 -3.47 7.67
CA ALA A 34 21.32 -2.61 8.43
C ALA A 34 20.66 -1.27 8.69
N TYR A 35 21.24 -0.47 9.57
CA TYR A 35 20.64 0.80 9.95
C TYR A 35 21.15 1.96 9.11
N THR A 36 22.20 1.71 8.35
CA THR A 36 22.77 2.74 7.49
C THR A 36 22.29 2.58 6.05
N ARG A 37 21.42 1.60 5.83
CA ARG A 37 20.89 1.32 4.50
C ARG A 37 19.48 1.87 4.35
N LYS A 38 19.05 2.03 3.09
CA LYS A 38 17.73 2.57 2.76
C LYS A 38 16.63 1.52 2.96
N ASP A 39 15.47 1.99 3.41
CA ASP A 39 14.28 1.15 3.63
C ASP A 39 13.63 0.74 2.30
N CYS A 40 12.68 -0.19 2.39
CA CYS A 40 11.96 -0.68 1.22
C CYS A 40 10.50 -0.93 1.58
N ILE A 41 9.61 -0.85 0.61
CA ILE A 41 8.19 -1.09 0.89
C ILE A 41 7.55 -1.94 -0.22
N ARG A 42 7.07 -3.11 0.14
CA ARG A 42 6.35 -3.96 -0.83
C ARG A 42 4.87 -3.98 -0.46
N LEU A 43 4.01 -3.76 -1.44
CA LEU A 43 2.58 -3.72 -1.19
C LEU A 43 1.88 -4.85 -1.98
N ARG A 44 1.27 -5.79 -1.25
CA ARG A 44 0.59 -6.93 -1.89
C ARG A 44 -0.92 -6.90 -1.63
N ILE A 45 -1.71 -7.09 -2.69
CA ILE A 45 -3.17 -7.08 -2.59
C ILE A 45 -3.74 -8.44 -3.03
N GLU A 46 -4.64 -9.02 -2.22
CA GLU A 46 -5.27 -10.32 -2.54
C GLU A 46 -6.69 -10.37 -1.97
N ASP A 47 -7.45 -11.40 -2.36
CA ASP A 47 -8.78 -11.65 -1.83
C ASP A 47 -8.68 -12.22 -0.40
N ARG A 48 -9.76 -12.68 0.17
CA ARG A 48 -9.76 -13.14 1.52
C ARG A 48 -9.66 -14.65 1.53
N SER A 49 -10.32 -15.28 0.55
CA SER A 49 -10.33 -16.71 0.42
C SER A 49 -9.13 -17.21 -0.40
N GLY A 50 -9.17 -16.98 -1.72
CA GLY A 50 -8.07 -17.42 -2.56
C GLY A 50 -8.12 -16.84 -3.96
N ASN A 51 -7.79 -15.57 -4.07
CA ASN A 51 -7.73 -14.90 -5.37
C ASN A 51 -6.73 -13.76 -5.33
N LEU A 52 -5.66 -13.88 -6.08
CA LEU A 52 -4.64 -12.84 -6.14
C LEU A 52 -5.14 -11.62 -6.91
N ILE A 53 -4.81 -10.45 -6.42
CA ILE A 53 -5.24 -9.22 -7.05
C ILE A 53 -4.08 -8.56 -7.79
N ASP A 54 -3.05 -8.16 -7.04
CA ASP A 54 -1.88 -7.50 -7.65
C ASP A 54 -0.70 -7.52 -6.69
N THR A 55 0.49 -7.23 -7.22
CA THR A 55 1.72 -7.21 -6.43
C THR A 55 2.60 -6.03 -6.87
N SER A 56 3.07 -5.24 -5.92
CA SER A 56 3.89 -4.08 -6.24
C SER A 56 5.04 -3.91 -5.25
N THR A 57 6.22 -3.60 -5.77
CA THR A 57 7.40 -3.35 -4.94
C THR A 57 7.92 -1.92 -5.18
N PHE A 58 8.04 -1.14 -4.11
CA PHE A 58 8.46 0.25 -4.22
C PHE A 58 9.87 0.47 -3.66
N TYR A 59 10.77 0.87 -4.54
CA TYR A 59 12.14 1.22 -4.17
C TYR A 59 12.74 2.09 -5.26
N HIS A 60 13.20 3.30 -4.90
CA HIS A 60 13.79 4.21 -5.90
C HIS A 60 14.26 5.53 -5.29
N HIS A 61 13.31 6.35 -4.89
CA HIS A 61 13.60 7.69 -4.39
C HIS A 61 13.10 7.89 -2.97
N ASP A 62 13.60 8.93 -2.31
CA ASP A 62 13.29 9.28 -0.91
C ASP A 62 11.78 9.15 -0.55
N GLU A 63 11.49 9.32 0.74
CA GLU A 63 10.16 9.06 1.30
C GLU A 63 9.11 9.97 0.69
N ASP A 64 9.52 11.18 0.30
CA ASP A 64 8.61 12.13 -0.34
C ASP A 64 7.96 11.53 -1.57
N VAL A 65 8.80 11.07 -2.48
CA VAL A 65 8.35 10.45 -3.71
C VAL A 65 7.70 9.09 -3.45
N LEU A 66 8.29 8.31 -2.56
CA LEU A 66 7.86 6.93 -2.31
C LEU A 66 6.39 6.89 -1.87
N PHE A 67 6.04 7.58 -0.78
CA PHE A 67 4.64 7.61 -0.32
C PHE A 67 3.70 8.28 -1.31
N ASN A 68 4.19 9.29 -2.02
CA ASN A 68 3.37 9.99 -3.02
C ASN A 68 2.90 9.00 -4.08
N MET A 69 3.81 8.16 -4.53
CA MET A 69 3.50 7.10 -5.48
C MET A 69 2.51 6.08 -4.89
N CYS A 70 2.68 5.75 -3.62
CA CYS A 70 1.85 4.73 -2.96
C CYS A 70 0.37 5.15 -2.82
N THR A 71 0.13 6.37 -2.35
CA THR A 71 -1.26 6.81 -2.14
C THR A 71 -2.05 6.87 -3.45
N ASP A 72 -1.41 7.32 -4.52
CA ASP A 72 -2.02 7.38 -5.86
C ASP A 72 -2.27 5.98 -6.40
N TRP A 73 -1.48 5.03 -5.91
CA TRP A 73 -1.48 3.68 -6.46
C TRP A 73 -2.77 2.97 -6.02
N LEU A 74 -3.09 3.13 -4.74
CA LEU A 74 -4.29 2.51 -4.16
C LEU A 74 -5.55 3.18 -4.71
N ASN A 75 -5.55 4.50 -4.73
CA ASN A 75 -6.69 5.29 -5.23
C ASN A 75 -6.98 4.96 -6.68
N HIS A 76 -5.94 4.59 -7.39
CA HIS A 76 -6.02 4.22 -8.79
C HIS A 76 -7.01 3.06 -9.05
N MET A 77 -6.98 2.03 -8.20
CA MET A 77 -7.80 0.83 -8.43
C MET A 77 -9.29 0.98 -8.02
N TYR A 78 -9.61 1.93 -7.15
CA TYR A 78 -10.99 2.05 -6.61
C TYR A 78 -12.07 2.24 -7.69
N ASP A 79 -11.84 3.16 -8.63
CA ASP A 79 -12.87 3.52 -9.62
C ASP A 79 -13.26 2.31 -10.49
N GLN A 80 -12.26 1.58 -10.95
CA GLN A 80 -12.47 0.38 -11.78
C GLN A 80 -13.39 -0.64 -11.09
N LEU A 81 -13.27 -0.77 -9.78
CA LEU A 81 -14.07 -1.74 -9.03
C LEU A 81 -15.45 -1.17 -8.70
N LYS A 82 -15.63 0.10 -9.02
CA LYS A 82 -16.90 0.77 -8.78
C LYS A 82 -17.87 0.54 -9.92
N ASP A 83 -17.35 0.04 -11.02
CA ASP A 83 -18.17 -0.28 -12.19
C ASP A 83 -18.83 -1.64 -12.04
N TRP A 84 -18.60 -2.28 -10.90
CA TRP A 84 -19.19 -3.57 -10.61
C TRP A 84 -19.93 -3.46 -9.29
N LYS A 85 -21.17 -2.99 -9.36
CA LYS A 85 -22.01 -2.70 -8.18
C LYS A 85 -21.19 -2.16 -7.00
N MET A 1 1.60 -1.17 14.59
CA MET A 1 0.71 0.02 14.68
C MET A 1 0.93 0.74 16.02
N GLY A 2 1.90 0.26 16.78
CA GLY A 2 2.22 0.85 18.07
C GLY A 2 2.73 2.28 17.93
N ARG A 3 3.58 2.51 16.95
CA ARG A 3 4.13 3.83 16.71
C ARG A 3 3.53 4.47 15.47
N LEU A 4 3.24 5.75 15.55
CA LEU A 4 2.65 6.49 14.44
C LEU A 4 3.32 7.86 14.30
N TYR A 5 3.47 8.33 13.07
CA TYR A 5 4.11 9.62 12.81
C TYR A 5 3.11 10.66 12.32
N SER A 6 3.35 11.91 12.67
CA SER A 6 2.51 13.00 12.23
C SER A 6 2.92 13.46 10.82
N GLY A 7 1.93 13.85 10.02
CA GLY A 7 2.19 14.37 8.67
C GLY A 7 2.40 13.27 7.64
N ASN A 8 2.98 12.16 8.04
CA ASN A 8 3.26 11.05 7.13
C ASN A 8 2.05 10.11 7.06
N LEU A 9 1.16 10.30 7.99
CA LEU A 9 0.00 9.41 8.10
C LEU A 9 -1.33 10.13 7.91
N ALA A 10 -1.31 11.44 7.72
CA ALA A 10 -2.53 12.24 7.59
C ALA A 10 -3.40 11.76 6.41
N ALA A 11 -2.79 11.65 5.24
CA ALA A 11 -3.48 11.18 4.06
C ALA A 11 -3.52 9.66 4.02
N PHE A 12 -2.45 9.06 4.52
CA PHE A 12 -2.30 7.61 4.53
C PHE A 12 -3.48 6.94 5.27
N LYS A 13 -3.80 7.44 6.47
CA LYS A 13 -4.92 6.90 7.25
C LYS A 13 -6.28 7.06 6.55
N ALA A 14 -6.43 8.15 5.80
CA ALA A 14 -7.67 8.40 5.08
C ALA A 14 -7.95 7.30 4.05
N ALA A 15 -6.89 6.78 3.44
CA ALA A 15 -6.99 5.70 2.46
C ALA A 15 -7.55 4.43 3.12
N THR A 16 -7.16 4.22 4.36
CA THR A 16 -7.61 3.07 5.15
C THR A 16 -9.14 3.03 5.25
N ASN A 17 -9.75 4.20 5.45
CA ASN A 17 -11.21 4.30 5.57
C ASN A 17 -11.89 3.87 4.26
N LYS A 18 -11.21 4.11 3.15
CA LYS A 18 -11.74 3.76 1.83
C LYS A 18 -11.81 2.25 1.64
N LEU A 19 -10.82 1.55 2.19
CA LEU A 19 -10.69 0.09 2.05
C LEU A 19 -11.94 -0.61 2.56
N PHE A 20 -12.56 -0.03 3.59
CA PHE A 20 -13.78 -0.58 4.20
C PHE A 20 -14.92 -0.66 3.17
N GLN A 21 -14.94 0.29 2.25
CA GLN A 21 -15.99 0.36 1.23
C GLN A 21 -15.77 -0.67 0.11
N LEU A 22 -14.58 -1.24 0.03
CA LEU A 22 -14.27 -2.21 -1.02
C LEU A 22 -14.08 -3.62 -0.46
N ASP A 23 -14.13 -3.73 0.88
CA ASP A 23 -13.97 -5.04 1.56
C ASP A 23 -12.64 -5.70 1.19
N LEU A 24 -11.56 -4.99 1.43
CA LEU A 24 -10.23 -5.49 1.09
C LEU A 24 -9.17 -4.99 2.09
N ALA A 25 -7.94 -5.50 1.98
CA ALA A 25 -6.84 -5.09 2.86
C ALA A 25 -5.49 -5.26 2.15
N VAL A 26 -4.51 -4.45 2.54
CA VAL A 26 -3.19 -4.50 1.92
C VAL A 26 -2.11 -4.91 2.94
N ILE A 27 -1.29 -5.89 2.56
CA ILE A 27 -0.18 -6.32 3.39
C ILE A 27 1.16 -5.89 2.78
N TYR A 28 2.07 -5.42 3.63
CA TYR A 28 3.36 -4.92 3.16
C TYR A 28 4.50 -5.88 3.51
N ASP A 29 5.50 -5.91 2.67
CA ASP A 29 6.68 -6.76 2.85
C ASP A 29 7.94 -5.92 2.66
N ASP A 30 8.83 -5.93 3.65
CA ASP A 30 10.07 -5.16 3.52
C ASP A 30 11.24 -5.87 4.22
N TRP A 31 12.22 -6.25 3.39
CA TRP A 31 13.50 -6.86 3.82
C TRP A 31 14.24 -7.44 2.63
N TYR A 32 13.93 -6.95 1.44
CA TYR A 32 14.49 -7.48 0.21
C TYR A 32 15.62 -6.58 -0.33
N ASP A 33 16.80 -7.18 -0.48
CA ASP A 33 18.00 -6.49 -1.02
C ASP A 33 18.41 -5.31 -0.15
N ALA A 34 19.44 -5.49 0.64
CA ALA A 34 19.96 -4.44 1.50
C ALA A 34 21.30 -4.82 2.09
N TYR A 35 22.37 -4.54 1.35
CA TYR A 35 23.70 -4.82 1.85
C TYR A 35 24.01 -3.98 3.08
N THR A 36 24.14 -2.67 2.92
CA THR A 36 24.38 -1.79 4.04
C THR A 36 23.23 -0.79 4.22
N ARG A 37 22.32 -0.74 3.25
CA ARG A 37 21.21 0.22 3.28
C ARG A 37 19.94 -0.41 3.88
N LYS A 38 18.85 0.33 3.86
CA LYS A 38 17.56 -0.17 4.33
C LYS A 38 16.45 0.53 3.53
N ASP A 39 16.33 0.19 2.25
CA ASP A 39 15.35 0.85 1.38
C ASP A 39 14.70 -0.14 0.44
N CYS A 40 13.50 -0.61 0.81
CA CYS A 40 12.74 -1.56 0.00
C CYS A 40 11.38 -1.85 0.64
N ILE A 41 10.29 -1.58 -0.10
CA ILE A 41 8.93 -1.81 0.41
C ILE A 41 8.03 -2.38 -0.70
N ARG A 42 7.39 -3.52 -0.45
CA ARG A 42 6.49 -4.15 -1.42
C ARG A 42 5.03 -4.14 -0.92
N LEU A 43 4.10 -3.77 -1.82
CA LEU A 43 2.66 -3.74 -1.51
C LEU A 43 1.95 -4.91 -2.20
N ARG A 44 1.49 -5.89 -1.43
CA ARG A 44 0.71 -7.00 -1.99
C ARG A 44 -0.78 -6.88 -1.62
N ILE A 45 -1.62 -6.91 -2.65
CA ILE A 45 -3.06 -6.85 -2.45
C ILE A 45 -3.62 -8.25 -2.72
N GLU A 46 -4.38 -8.79 -1.78
CA GLU A 46 -4.93 -10.12 -1.94
C GLU A 46 -6.36 -10.15 -1.42
N ASP A 47 -7.21 -10.93 -2.06
CA ASP A 47 -8.61 -11.05 -1.67
C ASP A 47 -8.76 -11.91 -0.43
N ARG A 48 -9.83 -11.66 0.28
CA ARG A 48 -10.18 -12.35 1.50
C ARG A 48 -10.28 -13.87 1.33
N SER A 49 -10.67 -14.35 0.14
CA SER A 49 -10.83 -15.78 -0.09
C SER A 49 -9.53 -16.41 -0.65
N GLY A 50 -8.41 -15.74 -0.41
CA GLY A 50 -7.12 -16.26 -0.88
C GLY A 50 -6.94 -16.19 -2.39
N ASN A 51 -7.10 -15.01 -2.94
CA ASN A 51 -6.92 -14.78 -4.37
C ASN A 51 -6.12 -13.52 -4.58
N LEU A 52 -5.14 -13.54 -5.47
CA LEU A 52 -4.30 -12.38 -5.69
C LEU A 52 -5.08 -11.30 -6.46
N ILE A 53 -4.78 -10.04 -6.19
CA ILE A 53 -5.44 -8.94 -6.87
C ILE A 53 -4.43 -8.23 -7.76
N ASP A 54 -3.23 -8.00 -7.21
CA ASP A 54 -2.14 -7.33 -7.91
C ASP A 54 -0.90 -7.30 -7.02
N THR A 55 0.22 -6.84 -7.55
CA THR A 55 1.47 -6.79 -6.82
C THR A 55 2.31 -5.61 -7.29
N SER A 56 3.03 -4.97 -6.38
CA SER A 56 3.89 -3.84 -6.72
C SER A 56 5.08 -3.77 -5.77
N THR A 57 6.24 -3.40 -6.29
CA THR A 57 7.45 -3.30 -5.48
C THR A 57 8.11 -1.93 -5.70
N PHE A 58 8.45 -1.26 -4.61
CA PHE A 58 9.04 0.07 -4.66
C PHE A 58 10.32 0.12 -3.84
N TYR A 59 11.45 0.45 -4.48
CA TYR A 59 12.70 0.53 -3.75
C TYR A 59 13.68 1.52 -4.36
N HIS A 60 13.89 2.59 -3.63
CA HIS A 60 14.85 3.65 -3.93
C HIS A 60 14.89 4.55 -2.72
N HIS A 61 15.98 5.24 -2.49
CA HIS A 61 16.08 6.03 -1.28
C HIS A 61 15.51 7.44 -1.48
N ASP A 62 14.20 7.56 -1.40
CA ASP A 62 13.53 8.85 -1.37
C ASP A 62 12.31 8.78 -0.48
N GLU A 63 12.44 9.33 0.71
CA GLU A 63 11.37 9.30 1.70
C GLU A 63 10.02 9.86 1.19
N ASP A 64 10.01 11.04 0.60
CA ASP A 64 8.73 11.64 0.21
C ASP A 64 8.14 11.02 -1.06
N VAL A 65 8.99 10.69 -2.02
CA VAL A 65 8.53 10.09 -3.28
C VAL A 65 7.90 8.71 -3.07
N LEU A 66 8.52 7.88 -2.21
CA LEU A 66 8.01 6.53 -1.97
C LEU A 66 6.56 6.53 -1.47
N PHE A 67 6.27 7.28 -0.41
CA PHE A 67 4.90 7.32 0.13
C PHE A 67 3.90 7.94 -0.86
N ASN A 68 4.34 8.92 -1.65
CA ASN A 68 3.48 9.57 -2.65
C ASN A 68 2.91 8.54 -3.63
N MET A 69 3.80 7.74 -4.19
CA MET A 69 3.40 6.68 -5.12
C MET A 69 2.48 5.65 -4.45
N CYS A 70 2.76 5.36 -3.18
CA CYS A 70 1.99 4.35 -2.46
C CYS A 70 0.51 4.73 -2.33
N THR A 71 0.23 5.96 -1.91
CA THR A 71 -1.15 6.41 -1.72
C THR A 71 -1.88 6.64 -3.06
N ASP A 72 -1.16 7.18 -4.05
CA ASP A 72 -1.73 7.47 -5.36
C ASP A 72 -2.14 6.19 -6.11
N TRP A 73 -1.40 5.13 -5.87
CA TRP A 73 -1.62 3.86 -6.56
C TRP A 73 -2.90 3.20 -6.03
N LEU A 74 -3.08 3.32 -4.71
CA LEU A 74 -4.21 2.70 -4.01
C LEU A 74 -5.53 3.33 -4.47
N ASN A 75 -5.52 4.65 -4.62
CA ASN A 75 -6.70 5.39 -5.04
C ASN A 75 -7.17 4.96 -6.44
N HIS A 76 -6.21 4.69 -7.30
CA HIS A 76 -6.47 4.32 -8.69
C HIS A 76 -7.36 3.07 -8.84
N MET A 77 -7.20 2.10 -7.95
CA MET A 77 -7.98 0.85 -8.05
C MET A 77 -9.43 0.99 -7.59
N TYR A 78 -9.72 2.00 -6.75
CA TYR A 78 -11.06 2.15 -6.17
C TYR A 78 -12.13 2.30 -7.24
N ASP A 79 -11.94 3.22 -8.16
CA ASP A 79 -12.94 3.51 -9.19
C ASP A 79 -13.24 2.28 -10.07
N GLN A 80 -12.20 1.62 -10.53
CA GLN A 80 -12.32 0.43 -11.38
C GLN A 80 -13.12 -0.71 -10.68
N LEU A 81 -12.88 -0.91 -9.39
CA LEU A 81 -13.53 -2.01 -8.66
C LEU A 81 -14.91 -1.61 -8.14
N LYS A 82 -15.33 -0.41 -8.48
CA LYS A 82 -16.61 0.10 -8.03
C LYS A 82 -17.73 -0.30 -8.96
N ASP A 83 -17.38 -0.78 -10.15
CA ASP A 83 -18.37 -1.25 -11.10
C ASP A 83 -19.07 -2.50 -10.57
N TRP A 84 -18.32 -3.36 -9.90
CA TRP A 84 -18.86 -4.55 -9.28
C TRP A 84 -18.41 -4.64 -7.83
N LYS A 85 -19.24 -4.13 -6.93
CA LYS A 85 -18.96 -4.17 -5.49
C LYS A 85 -17.66 -3.42 -5.17
N MET A 1 9.07 -5.02 10.01
CA MET A 1 7.77 -5.04 9.31
C MET A 1 6.86 -3.91 9.80
N GLY A 2 6.56 -2.98 8.92
CA GLY A 2 5.72 -1.86 9.29
C GLY A 2 6.48 -0.87 10.15
N ARG A 3 7.76 -0.77 9.88
CA ARG A 3 8.65 0.10 10.64
C ARG A 3 8.52 1.56 10.20
N LEU A 4 7.68 2.30 10.91
CA LEU A 4 7.52 3.73 10.66
C LEU A 4 8.09 4.52 11.81
N TYR A 5 8.93 5.50 11.50
CA TYR A 5 9.54 6.32 12.54
C TYR A 5 9.13 7.79 12.38
N SER A 6 9.15 8.26 11.16
CA SER A 6 8.81 9.64 10.85
C SER A 6 7.30 9.81 10.63
N GLY A 7 6.89 11.04 10.33
CA GLY A 7 5.49 11.32 10.10
C GLY A 7 5.13 11.26 8.62
N ASN A 8 4.43 12.30 8.15
CA ASN A 8 3.97 12.41 6.74
C ASN A 8 2.90 11.39 6.41
N LEU A 9 2.48 10.63 7.41
CA LEU A 9 1.46 9.61 7.25
C LEU A 9 0.05 10.15 7.44
N ALA A 10 -0.09 11.46 7.59
CA ALA A 10 -1.40 12.07 7.84
C ALA A 10 -2.45 11.69 6.79
N ALA A 11 -2.13 11.89 5.52
CA ALA A 11 -3.06 11.54 4.43
C ALA A 11 -2.94 10.07 4.09
N PHE A 12 -1.75 9.53 4.32
CA PHE A 12 -1.46 8.12 4.06
C PHE A 12 -2.42 7.22 4.86
N LYS A 13 -2.59 7.52 6.14
CA LYS A 13 -3.48 6.76 7.02
C LYS A 13 -4.94 6.81 6.55
N ALA A 14 -5.35 7.93 5.99
CA ALA A 14 -6.75 8.13 5.55
C ALA A 14 -7.21 7.04 4.58
N ALA A 15 -6.27 6.45 3.84
CA ALA A 15 -6.57 5.39 2.87
C ALA A 15 -7.13 4.13 3.56
N THR A 16 -6.81 3.97 4.83
CA THR A 16 -7.24 2.81 5.62
C THR A 16 -8.78 2.69 5.66
N ASN A 17 -9.45 3.83 5.85
CA ASN A 17 -10.92 3.88 5.93
C ASN A 17 -11.55 3.40 4.62
N LYS A 18 -10.92 3.75 3.52
CA LYS A 18 -11.39 3.42 2.18
C LYS A 18 -11.51 1.91 1.99
N LEU A 19 -10.58 1.17 2.60
CA LEU A 19 -10.50 -0.29 2.43
C LEU A 19 -11.80 -0.97 2.87
N PHE A 20 -12.36 -0.51 3.99
CA PHE A 20 -13.59 -1.08 4.54
C PHE A 20 -14.77 -0.85 3.61
N GLN A 21 -14.73 0.25 2.89
CA GLN A 21 -15.84 0.66 2.02
C GLN A 21 -16.24 -0.43 1.03
N LEU A 22 -15.27 -1.08 0.39
CA LEU A 22 -15.60 -2.12 -0.59
C LEU A 22 -15.26 -3.52 -0.02
N ASP A 23 -14.97 -3.59 1.28
CA ASP A 23 -14.65 -4.86 1.96
C ASP A 23 -13.34 -5.48 1.46
N LEU A 24 -12.25 -4.73 1.59
CA LEU A 24 -10.92 -5.20 1.14
C LEU A 24 -9.81 -4.67 2.07
N ALA A 25 -8.58 -5.16 1.89
CA ALA A 25 -7.45 -4.77 2.74
C ALA A 25 -6.14 -4.73 1.94
N VAL A 26 -5.03 -4.39 2.62
CA VAL A 26 -3.71 -4.28 1.99
C VAL A 26 -2.61 -4.68 2.99
N ILE A 27 -1.60 -5.41 2.51
CA ILE A 27 -0.47 -5.78 3.36
C ILE A 27 0.85 -5.45 2.65
N TYR A 28 1.83 -4.97 3.40
CA TYR A 28 3.11 -4.61 2.81
C TYR A 28 4.29 -5.31 3.49
N ASP A 29 5.37 -5.50 2.71
CA ASP A 29 6.58 -6.19 3.17
C ASP A 29 7.77 -5.24 3.20
N ASP A 30 8.57 -5.30 4.27
CA ASP A 30 9.82 -4.57 4.34
C ASP A 30 10.82 -5.37 5.18
N TRP A 31 11.94 -5.82 4.55
CA TRP A 31 12.99 -6.62 5.24
C TRP A 31 12.43 -7.78 6.04
N TYR A 32 12.06 -8.84 5.33
CA TYR A 32 11.50 -10.00 5.97
C TYR A 32 12.58 -11.06 6.23
N ASP A 33 12.93 -11.83 5.19
CA ASP A 33 13.96 -12.89 5.32
C ASP A 33 14.72 -13.08 4.01
N ALA A 34 15.24 -12.01 3.43
CA ALA A 34 15.96 -12.14 2.18
C ALA A 34 17.24 -11.32 2.23
N TYR A 35 18.10 -11.50 1.22
CA TYR A 35 19.40 -10.82 1.14
C TYR A 35 19.27 -9.32 0.86
N THR A 36 18.04 -8.86 0.65
CA THR A 36 17.78 -7.48 0.27
C THR A 36 17.72 -6.57 1.52
N ARG A 37 18.57 -6.92 2.51
CA ARG A 37 18.68 -6.24 3.83
C ARG A 37 18.47 -4.71 3.78
N LYS A 38 18.87 -4.08 2.68
CA LYS A 38 18.72 -2.63 2.52
C LYS A 38 17.22 -2.21 2.46
N ASP A 39 16.98 -0.93 2.25
CA ASP A 39 15.63 -0.37 2.25
C ASP A 39 14.80 -0.84 1.05
N CYS A 40 13.65 -1.47 1.34
CA CYS A 40 12.76 -1.99 0.29
C CYS A 40 11.31 -2.08 0.80
N ILE A 41 10.34 -1.71 -0.05
CA ILE A 41 8.92 -1.73 0.34
C ILE A 41 8.04 -2.38 -0.77
N ARG A 42 7.23 -3.36 -0.38
CA ARG A 42 6.33 -4.06 -1.33
C ARG A 42 4.86 -4.01 -0.87
N LEU A 43 3.94 -3.74 -1.81
CA LEU A 43 2.49 -3.77 -1.54
C LEU A 43 1.86 -5.04 -2.14
N ARG A 44 1.23 -5.86 -1.30
CA ARG A 44 0.54 -7.07 -1.76
C ARG A 44 -0.97 -7.01 -1.49
N ILE A 45 -1.77 -7.08 -2.56
CA ILE A 45 -3.22 -7.12 -2.45
C ILE A 45 -3.76 -8.52 -2.80
N GLU A 46 -4.61 -9.07 -1.94
CA GLU A 46 -5.18 -10.40 -2.17
C GLU A 46 -6.58 -10.50 -1.55
N ASP A 47 -7.35 -11.47 -2.03
CA ASP A 47 -8.72 -11.70 -1.54
C ASP A 47 -8.70 -12.63 -0.32
N ARG A 48 -9.80 -12.65 0.41
CA ARG A 48 -9.94 -13.45 1.63
C ARG A 48 -10.26 -14.91 1.33
N SER A 49 -10.12 -15.33 0.08
CA SER A 49 -10.46 -16.67 -0.32
C SER A 49 -9.22 -17.41 -0.82
N GLY A 50 -8.06 -16.83 -0.50
CA GLY A 50 -6.81 -17.41 -0.98
C GLY A 50 -6.61 -17.15 -2.45
N ASN A 51 -6.56 -15.87 -2.82
CA ASN A 51 -6.41 -15.47 -4.21
C ASN A 51 -5.76 -14.10 -4.31
N LEU A 52 -4.56 -14.06 -4.88
CA LEU A 52 -3.85 -12.80 -5.04
C LEU A 52 -4.52 -11.92 -6.11
N ILE A 53 -4.58 -10.62 -5.86
CA ILE A 53 -5.20 -9.71 -6.81
C ILE A 53 -4.13 -8.96 -7.61
N ASP A 54 -3.17 -8.35 -6.91
CA ASP A 54 -2.11 -7.59 -7.57
C ASP A 54 -0.96 -7.32 -6.58
N THR A 55 0.17 -6.89 -7.11
CA THR A 55 1.35 -6.61 -6.30
C THR A 55 2.18 -5.48 -6.91
N SER A 56 2.82 -4.68 -6.08
CA SER A 56 3.65 -3.59 -6.56
C SER A 56 4.82 -3.36 -5.60
N THR A 57 6.00 -3.09 -6.15
CA THR A 57 7.19 -2.85 -5.33
C THR A 57 7.87 -1.54 -5.75
N PHE A 58 8.32 -0.76 -4.78
CA PHE A 58 8.94 0.54 -5.06
C PHE A 58 10.35 0.61 -4.51
N TYR A 59 11.26 1.20 -5.29
CA TYR A 59 12.64 1.36 -4.87
C TYR A 59 13.12 2.79 -5.14
N HIS A 60 13.62 3.44 -4.09
CA HIS A 60 14.16 4.80 -4.18
C HIS A 60 14.42 5.29 -2.77
N HIS A 61 15.65 5.65 -2.44
CA HIS A 61 15.88 6.13 -1.08
C HIS A 61 15.40 7.57 -0.94
N ASP A 62 14.08 7.71 -0.80
CA ASP A 62 13.44 9.01 -0.64
C ASP A 62 12.25 8.90 0.29
N GLU A 63 12.27 9.67 1.33
CA GLU A 63 11.17 9.67 2.30
C GLU A 63 9.87 10.21 1.67
N ASP A 64 9.92 11.45 1.18
CA ASP A 64 8.74 12.11 0.62
C ASP A 64 8.27 11.46 -0.68
N VAL A 65 9.23 11.15 -1.54
CA VAL A 65 8.92 10.55 -2.84
C VAL A 65 8.25 9.19 -2.69
N LEU A 66 8.78 8.36 -1.79
CA LEU A 66 8.29 6.99 -1.65
C LEU A 66 6.79 6.94 -1.27
N PHE A 67 6.41 7.64 -0.20
CA PHE A 67 5.00 7.67 0.22
C PHE A 67 4.07 8.23 -0.86
N ASN A 68 4.48 9.32 -1.50
CA ASN A 68 3.66 9.96 -2.54
C ASN A 68 3.30 8.97 -3.67
N MET A 69 4.28 8.19 -4.09
CA MET A 69 4.06 7.23 -5.17
C MET A 69 3.10 6.10 -4.72
N CYS A 70 3.31 5.63 -3.49
CA CYS A 70 2.60 4.48 -2.96
C CYS A 70 1.10 4.71 -2.73
N THR A 71 0.71 5.90 -2.26
CA THR A 71 -0.67 6.13 -1.87
C THR A 71 -1.62 6.28 -3.07
N ASP A 72 -1.13 6.81 -4.19
CA ASP A 72 -1.98 7.09 -5.36
C ASP A 72 -2.63 5.82 -5.93
N TRP A 73 -1.81 4.82 -6.21
CA TRP A 73 -2.25 3.54 -6.79
C TRP A 73 -3.34 2.84 -5.96
N LEU A 74 -3.32 3.03 -4.64
CA LEU A 74 -4.29 2.35 -3.77
C LEU A 74 -5.74 2.72 -4.12
N ASN A 75 -6.00 4.01 -4.33
CA ASN A 75 -7.36 4.48 -4.64
C ASN A 75 -7.73 4.14 -6.10
N HIS A 76 -6.69 3.93 -6.90
CA HIS A 76 -6.82 3.63 -8.34
C HIS A 76 -7.69 2.39 -8.60
N MET A 77 -7.50 1.33 -7.82
CA MET A 77 -8.23 0.08 -8.05
C MET A 77 -9.73 0.21 -7.77
N TYR A 78 -10.09 1.05 -6.81
CA TYR A 78 -11.49 1.21 -6.41
C TYR A 78 -12.37 1.65 -7.57
N ASP A 79 -11.87 2.60 -8.33
CA ASP A 79 -12.64 3.24 -9.42
C ASP A 79 -13.05 2.24 -10.52
N GLN A 80 -12.24 1.22 -10.74
CA GLN A 80 -12.51 0.26 -11.81
C GLN A 80 -13.55 -0.80 -11.40
N LEU A 81 -13.47 -1.27 -10.16
CA LEU A 81 -14.36 -2.34 -9.69
C LEU A 81 -15.76 -1.83 -9.34
N LYS A 82 -15.88 -0.53 -9.13
CA LYS A 82 -17.17 0.07 -8.79
C LYS A 82 -18.18 -0.10 -9.93
N ASP A 83 -17.70 -0.05 -11.15
CA ASP A 83 -18.57 -0.17 -12.33
C ASP A 83 -19.24 -1.55 -12.39
N TRP A 84 -18.50 -2.57 -12.00
CA TRP A 84 -19.01 -3.93 -12.03
C TRP A 84 -18.72 -4.66 -10.72
N LYS A 85 -19.70 -4.69 -9.83
CA LYS A 85 -19.53 -5.35 -8.56
C LYS A 85 -20.26 -6.69 -8.55
N MET A 1 -3.24 2.01 11.65
CA MET A 1 -2.67 3.07 10.78
C MET A 1 -3.29 4.42 11.12
N GLY A 2 -4.60 4.44 11.28
CA GLY A 2 -5.31 5.66 11.63
C GLY A 2 -5.39 5.85 13.13
N ARG A 3 -4.92 4.85 13.87
CA ARG A 3 -4.91 4.89 15.33
C ARG A 3 -3.98 5.99 15.82
N LEU A 4 -2.82 6.09 15.19
CA LEU A 4 -1.81 7.06 15.57
C LEU A 4 -1.90 8.28 14.65
N TYR A 5 -1.52 9.44 15.16
CA TYR A 5 -1.53 10.66 14.36
C TYR A 5 -0.11 11.08 13.99
N SER A 6 0.09 11.43 12.72
CA SER A 6 1.43 11.73 12.21
C SER A 6 1.33 12.73 11.05
N GLY A 7 2.42 13.45 10.77
CA GLY A 7 2.45 14.36 9.63
C GLY A 7 3.01 13.66 8.40
N ASN A 8 3.70 12.58 8.65
CA ASN A 8 4.24 11.75 7.58
C ASN A 8 3.14 10.90 6.94
N LEU A 9 2.79 9.80 7.60
CA LEU A 9 1.69 8.93 7.15
C LEU A 9 0.30 9.62 7.14
N ALA A 10 0.25 10.94 7.30
CA ALA A 10 -1.03 11.66 7.40
C ALA A 10 -1.97 11.35 6.23
N ALA A 11 -1.49 11.50 5.00
CA ALA A 11 -2.31 11.21 3.81
C ALA A 11 -2.60 9.71 3.70
N PHE A 12 -1.60 8.93 4.04
CA PHE A 12 -1.67 7.47 3.99
C PHE A 12 -2.84 6.95 4.85
N LYS A 13 -3.01 7.51 6.04
CA LYS A 13 -4.05 7.11 6.99
C LYS A 13 -5.47 7.17 6.39
N ALA A 14 -5.71 8.15 5.51
CA ALA A 14 -7.04 8.39 4.93
C ALA A 14 -7.61 7.17 4.19
N ALA A 15 -6.73 6.35 3.63
CA ALA A 15 -7.13 5.17 2.87
C ALA A 15 -7.80 4.09 3.74
N THR A 16 -7.50 4.12 5.04
CA THR A 16 -7.97 3.08 5.97
C THR A 16 -9.51 2.95 5.98
N ASN A 17 -10.20 4.07 6.06
CA ASN A 17 -11.67 4.08 6.13
C ASN A 17 -12.30 3.58 4.83
N LYS A 18 -11.66 3.90 3.71
CA LYS A 18 -12.22 3.61 2.39
C LYS A 18 -12.21 2.11 2.07
N LEU A 19 -11.17 1.42 2.53
CA LEU A 19 -10.95 0.00 2.23
C LEU A 19 -12.16 -0.87 2.59
N PHE A 20 -12.82 -0.54 3.69
CA PHE A 20 -13.97 -1.31 4.15
C PHE A 20 -15.10 -1.31 3.11
N GLN A 21 -15.22 -0.20 2.40
CA GLN A 21 -16.27 -0.01 1.40
C GLN A 21 -15.95 -0.76 0.10
N LEU A 22 -14.73 -1.28 0.02
CA LEU A 22 -14.33 -2.02 -1.18
C LEU A 22 -14.17 -3.52 -0.85
N ASP A 23 -14.29 -3.80 0.45
CA ASP A 23 -14.34 -5.18 0.99
C ASP A 23 -13.03 -5.94 0.71
N LEU A 24 -11.90 -5.33 1.01
CA LEU A 24 -10.61 -5.98 0.78
C LEU A 24 -9.58 -5.60 1.83
N ALA A 25 -8.45 -6.28 1.79
CA ALA A 25 -7.37 -6.05 2.76
C ALA A 25 -6.08 -5.63 2.05
N VAL A 26 -5.03 -5.41 2.83
CA VAL A 26 -3.74 -4.99 2.30
C VAL A 26 -2.60 -5.52 3.18
N ILE A 27 -1.50 -5.90 2.54
CA ILE A 27 -0.34 -6.44 3.26
C ILE A 27 0.97 -5.89 2.68
N TYR A 28 1.88 -5.52 3.55
CA TYR A 28 3.17 -4.95 3.15
C TYR A 28 4.32 -5.86 3.56
N ASP A 29 5.40 -5.78 2.82
CA ASP A 29 6.59 -6.55 3.12
C ASP A 29 7.81 -5.67 3.22
N ASP A 30 8.52 -5.79 4.32
CA ASP A 30 9.76 -5.07 4.54
C ASP A 30 10.57 -5.79 5.62
N TRP A 31 11.84 -6.06 5.36
CA TRP A 31 12.68 -6.75 6.33
C TRP A 31 14.17 -6.59 5.99
N TYR A 32 14.46 -5.82 4.97
CA TYR A 32 15.82 -5.63 4.51
C TYR A 32 16.51 -4.47 5.21
N ASP A 33 17.84 -4.51 5.23
CA ASP A 33 18.63 -3.46 5.87
C ASP A 33 18.85 -2.29 4.91
N ALA A 34 19.89 -1.49 5.18
CA ALA A 34 20.16 -0.27 4.43
C ALA A 34 21.43 0.41 4.93
N TYR A 35 22.57 -0.14 4.57
CA TYR A 35 23.84 0.44 4.98
C TYR A 35 24.06 1.79 4.30
N THR A 36 23.83 1.84 2.98
CA THR A 36 24.00 3.06 2.22
C THR A 36 22.64 3.65 1.79
N ARG A 37 21.59 3.33 2.56
CA ARG A 37 20.21 3.80 2.28
C ARG A 37 19.65 3.15 1.01
N LYS A 38 18.93 2.06 1.17
CA LYS A 38 18.32 1.38 0.03
C LYS A 38 16.83 1.72 -0.06
N ASP A 39 16.09 1.37 1.00
CA ASP A 39 14.65 1.67 1.12
C ASP A 39 13.79 0.92 0.09
N CYS A 40 13.27 -0.23 0.51
CA CYS A 40 12.41 -1.04 -0.34
C CYS A 40 11.16 -1.48 0.43
N ILE A 41 10.00 -1.25 -0.16
CA ILE A 41 8.71 -1.59 0.45
C ILE A 41 7.78 -2.23 -0.59
N ARG A 42 7.26 -3.41 -0.30
CA ARG A 42 6.34 -4.06 -1.24
C ARG A 42 4.91 -4.02 -0.72
N LEU A 43 3.98 -3.56 -1.56
CA LEU A 43 2.57 -3.50 -1.20
C LEU A 43 1.79 -4.55 -2.00
N ARG A 44 1.30 -5.57 -1.32
CA ARG A 44 0.56 -6.66 -1.97
C ARG A 44 -0.94 -6.66 -1.59
N ILE A 45 -1.81 -6.69 -2.61
CA ILE A 45 -3.26 -6.74 -2.40
C ILE A 45 -3.82 -8.12 -2.78
N GLU A 46 -4.56 -8.74 -1.88
CA GLU A 46 -5.19 -10.05 -2.13
C GLU A 46 -6.50 -10.20 -1.37
N ASP A 47 -7.25 -11.23 -1.76
CA ASP A 47 -8.51 -11.57 -1.11
C ASP A 47 -8.27 -12.57 0.04
N ARG A 48 -9.29 -12.79 0.85
CA ARG A 48 -9.18 -13.70 2.00
C ARG A 48 -9.68 -15.12 1.70
N SER A 49 -9.96 -15.43 0.44
CA SER A 49 -10.53 -16.74 0.10
C SER A 49 -9.80 -17.39 -1.09
N GLY A 50 -8.49 -17.18 -1.15
CA GLY A 50 -7.70 -17.78 -2.21
C GLY A 50 -7.93 -17.12 -3.55
N ASN A 51 -7.68 -15.83 -3.60
CA ASN A 51 -7.84 -15.06 -4.83
C ASN A 51 -6.88 -13.88 -4.82
N LEU A 52 -5.84 -13.97 -5.63
CA LEU A 52 -4.86 -12.91 -5.70
C LEU A 52 -5.40 -11.73 -6.51
N ILE A 53 -5.01 -10.52 -6.12
CA ILE A 53 -5.48 -9.33 -6.80
C ILE A 53 -4.39 -8.70 -7.65
N ASP A 54 -3.22 -8.46 -7.03
CA ASP A 54 -2.10 -7.81 -7.72
C ASP A 54 -0.88 -7.74 -6.79
N THR A 55 0.23 -7.24 -7.31
CA THR A 55 1.47 -7.14 -6.56
C THR A 55 2.22 -5.88 -6.97
N SER A 56 2.88 -5.22 -6.04
CA SER A 56 3.60 -4.00 -6.36
C SER A 56 4.82 -3.85 -5.45
N THR A 57 5.90 -3.31 -6.01
CA THR A 57 7.11 -3.08 -5.26
C THR A 57 7.58 -1.64 -5.44
N PHE A 58 7.91 -1.00 -4.33
CA PHE A 58 8.39 0.36 -4.35
C PHE A 58 9.77 0.42 -3.73
N TYR A 59 10.76 0.76 -4.54
CA TYR A 59 12.12 0.88 -4.02
C TYR A 59 12.86 2.03 -4.67
N HIS A 60 13.21 2.99 -3.84
CA HIS A 60 13.90 4.20 -4.25
C HIS A 60 14.04 5.07 -3.02
N HIS A 61 15.25 5.44 -2.65
CA HIS A 61 15.42 6.21 -1.43
C HIS A 61 15.12 7.70 -1.62
N ASP A 62 13.83 8.02 -1.62
CA ASP A 62 13.34 9.38 -1.62
C ASP A 62 12.10 9.45 -0.77
N GLU A 63 12.22 9.98 0.43
CA GLU A 63 11.12 10.02 1.39
C GLU A 63 9.84 10.67 0.82
N ASP A 64 9.97 11.82 0.18
CA ASP A 64 8.80 12.55 -0.32
C ASP A 64 8.08 11.82 -1.43
N VAL A 65 8.81 11.39 -2.43
CA VAL A 65 8.22 10.74 -3.60
C VAL A 65 7.66 9.35 -3.26
N LEU A 66 8.39 8.61 -2.43
CA LEU A 66 8.07 7.21 -2.12
C LEU A 66 6.60 7.04 -1.68
N PHE A 67 6.19 7.75 -0.64
CA PHE A 67 4.82 7.64 -0.15
C PHE A 67 3.78 8.21 -1.10
N ASN A 68 4.16 9.21 -1.91
CA ASN A 68 3.21 9.83 -2.83
C ASN A 68 2.71 8.78 -3.83
N MET A 69 3.64 7.97 -4.34
CA MET A 69 3.29 6.92 -5.30
C MET A 69 2.43 5.85 -4.62
N CYS A 70 2.74 5.57 -3.36
CA CYS A 70 2.06 4.50 -2.62
C CYS A 70 0.56 4.77 -2.41
N THR A 71 0.21 5.99 -2.05
CA THR A 71 -1.20 6.31 -1.80
C THR A 71 -1.97 6.46 -3.11
N ASP A 72 -1.27 6.97 -4.12
CA ASP A 72 -1.84 7.19 -5.45
C ASP A 72 -2.22 5.85 -6.09
N TRP A 73 -1.49 4.81 -5.70
CA TRP A 73 -1.69 3.48 -6.28
C TRP A 73 -2.98 2.88 -5.70
N LEU A 74 -3.19 3.16 -4.41
CA LEU A 74 -4.36 2.66 -3.68
C LEU A 74 -5.64 3.29 -4.23
N ASN A 75 -5.61 4.60 -4.41
CA ASN A 75 -6.76 5.38 -4.93
C ASN A 75 -7.07 4.96 -6.35
N HIS A 76 -6.03 4.58 -7.06
CA HIS A 76 -6.09 4.17 -8.45
C HIS A 76 -7.10 3.02 -8.70
N MET A 77 -7.08 2.01 -7.85
CA MET A 77 -7.96 0.84 -8.06
C MET A 77 -9.42 1.07 -7.64
N TYR A 78 -9.67 2.03 -6.75
CA TYR A 78 -11.04 2.26 -6.25
C TYR A 78 -12.03 2.57 -7.37
N ASP A 79 -11.65 3.45 -8.28
CA ASP A 79 -12.55 3.90 -9.35
C ASP A 79 -13.06 2.74 -10.21
N GLN A 80 -12.14 1.93 -10.68
CA GLN A 80 -12.48 0.78 -11.53
C GLN A 80 -13.34 -0.27 -10.79
N LEU A 81 -13.03 -0.52 -9.53
CA LEU A 81 -13.72 -1.57 -8.78
C LEU A 81 -15.07 -1.11 -8.22
N LYS A 82 -15.42 0.15 -8.44
CA LYS A 82 -16.71 0.64 -7.96
C LYS A 82 -17.85 0.27 -8.89
N ASP A 83 -17.51 -0.05 -10.13
CA ASP A 83 -18.52 -0.45 -11.11
C ASP A 83 -18.46 -1.95 -11.35
N TRP A 84 -17.46 -2.60 -10.77
CA TRP A 84 -17.27 -4.02 -10.96
C TRP A 84 -16.44 -4.60 -9.82
N LYS A 85 -17.10 -4.91 -8.71
CA LYS A 85 -16.42 -5.47 -7.56
C LYS A 85 -16.85 -6.92 -7.35
N MET A 1 -7.15 0.81 11.64
CA MET A 1 -7.15 1.45 12.97
C MET A 1 -5.77 2.04 13.30
N GLY A 2 -5.67 3.34 13.21
CA GLY A 2 -4.41 4.00 13.48
C GLY A 2 -4.46 4.80 14.77
N ARG A 3 -3.31 4.99 15.38
CA ARG A 3 -3.24 5.75 16.62
C ARG A 3 -2.11 6.78 16.57
N LEU A 4 -1.59 7.03 15.37
CA LEU A 4 -0.51 8.00 15.18
C LEU A 4 -0.95 9.06 14.17
N TYR A 5 -0.71 10.32 14.49
CA TYR A 5 -1.09 11.40 13.60
C TYR A 5 0.13 12.14 13.06
N SER A 6 0.19 12.28 11.75
CA SER A 6 1.29 12.96 11.10
C SER A 6 0.94 13.34 9.66
N GLY A 7 1.62 14.34 9.12
CA GLY A 7 1.42 14.75 7.73
C GLY A 7 1.86 13.67 6.75
N ASN A 8 2.75 12.80 7.24
CA ASN A 8 3.27 11.69 6.44
C ASN A 8 2.26 10.54 6.45
N LEU A 9 1.25 10.73 7.27
CA LEU A 9 0.24 9.71 7.49
C LEU A 9 -1.16 10.12 7.06
N ALA A 10 -1.32 11.41 6.74
CA ALA A 10 -2.65 11.97 6.40
C ALA A 10 -3.33 11.21 5.26
N ALA A 11 -2.63 11.05 4.15
CA ALA A 11 -3.18 10.33 3.01
C ALA A 11 -3.18 8.82 3.26
N PHE A 12 -2.11 8.35 3.88
CA PHE A 12 -1.92 6.92 4.15
C PHE A 12 -3.07 6.35 4.99
N LYS A 13 -3.38 6.99 6.11
CA LYS A 13 -4.46 6.54 6.98
C LYS A 13 -5.83 6.69 6.31
N ALA A 14 -5.99 7.74 5.50
CA ALA A 14 -7.25 7.98 4.81
C ALA A 14 -7.61 6.83 3.89
N ALA A 15 -6.61 6.31 3.19
CA ALA A 15 -6.82 5.18 2.29
C ALA A 15 -7.20 3.92 3.08
N THR A 16 -6.71 3.86 4.31
CA THR A 16 -6.96 2.72 5.19
C THR A 16 -8.47 2.53 5.49
N ASN A 17 -9.16 3.63 5.78
CA ASN A 17 -10.59 3.56 6.09
C ASN A 17 -11.42 3.11 4.88
N LYS A 18 -10.91 3.40 3.69
CA LYS A 18 -11.58 3.07 2.45
C LYS A 18 -11.60 1.55 2.24
N LEU A 19 -10.53 0.89 2.68
CA LEU A 19 -10.35 -0.56 2.51
C LEU A 19 -11.53 -1.35 3.08
N PHE A 20 -12.05 -0.88 4.21
CA PHE A 20 -13.17 -1.53 4.87
C PHE A 20 -14.41 -1.58 3.96
N GLN A 21 -14.66 -0.48 3.26
CA GLN A 21 -15.83 -0.35 2.39
C GLN A 21 -15.63 -1.17 1.10
N LEU A 22 -14.43 -1.68 0.94
CA LEU A 22 -14.11 -2.49 -0.23
C LEU A 22 -13.92 -3.96 0.20
N ASP A 23 -13.97 -4.14 1.52
CA ASP A 23 -13.93 -5.47 2.16
C ASP A 23 -12.63 -6.21 1.81
N LEU A 24 -11.53 -5.50 1.92
CA LEU A 24 -10.21 -6.07 1.65
C LEU A 24 -9.15 -5.38 2.49
N ALA A 25 -7.90 -5.83 2.37
CA ALA A 25 -6.82 -5.26 3.15
C ALA A 25 -5.51 -5.34 2.38
N VAL A 26 -4.67 -4.34 2.56
CA VAL A 26 -3.36 -4.32 1.92
C VAL A 26 -2.29 -4.86 2.86
N ILE A 27 -1.64 -5.92 2.45
CA ILE A 27 -0.57 -6.49 3.22
C ILE A 27 0.78 -5.99 2.69
N TYR A 28 1.60 -5.50 3.59
CA TYR A 28 2.87 -4.93 3.21
C TYR A 28 4.02 -5.70 3.80
N ASP A 29 5.16 -5.57 3.17
CA ASP A 29 6.38 -6.22 3.63
C ASP A 29 7.03 -5.39 4.72
N ASP A 30 7.79 -6.04 5.57
CA ASP A 30 8.40 -5.39 6.72
C ASP A 30 9.51 -6.28 7.27
N TRP A 31 10.18 -5.83 8.35
CA TRP A 31 11.34 -6.52 8.95
C TRP A 31 12.49 -6.81 7.94
N TYR A 32 13.70 -6.87 8.48
CA TYR A 32 14.87 -7.19 7.69
C TYR A 32 15.88 -7.90 8.60
N ASP A 33 16.40 -9.04 8.13
CA ASP A 33 17.32 -9.86 8.95
C ASP A 33 18.70 -9.24 9.10
N ALA A 34 18.98 -8.22 8.31
CA ALA A 34 20.29 -7.59 8.36
C ALA A 34 20.26 -6.41 9.31
N TYR A 35 21.34 -6.24 10.06
CA TYR A 35 21.44 -5.18 11.05
C TYR A 35 21.93 -3.89 10.40
N THR A 36 22.33 -4.00 9.15
CA THR A 36 22.82 -2.86 8.38
C THR A 36 21.67 -1.91 8.02
N ARG A 37 20.43 -2.37 8.26
CA ARG A 37 19.19 -1.59 8.05
C ARG A 37 19.12 -0.86 6.68
N LYS A 38 18.42 -1.49 5.73
CA LYS A 38 18.23 -0.92 4.42
C LYS A 38 16.76 -0.83 4.04
N ASP A 39 16.46 0.09 3.15
CA ASP A 39 15.09 0.39 2.73
C ASP A 39 14.46 -0.75 1.94
N CYS A 40 13.19 -1.05 2.23
CA CYS A 40 12.44 -2.07 1.52
C CYS A 40 10.96 -2.07 1.93
N ILE A 41 10.10 -1.54 1.04
CA ILE A 41 8.67 -1.50 1.32
C ILE A 41 7.88 -2.10 0.15
N ARG A 42 7.25 -3.25 0.36
CA ARG A 42 6.48 -3.93 -0.70
C ARG A 42 4.97 -3.92 -0.40
N LEU A 43 4.14 -3.60 -1.43
CA LEU A 43 2.66 -3.64 -1.29
C LEU A 43 2.05 -4.77 -2.12
N ARG A 44 1.51 -5.78 -1.45
CA ARG A 44 0.80 -6.87 -2.13
C ARG A 44 -0.72 -6.77 -1.90
N ILE A 45 -1.48 -6.70 -3.00
CA ILE A 45 -2.95 -6.59 -2.92
C ILE A 45 -3.63 -7.89 -3.39
N GLU A 46 -4.52 -8.41 -2.56
CA GLU A 46 -5.28 -9.59 -2.91
C GLU A 46 -6.62 -9.61 -2.19
N ASP A 47 -7.56 -10.37 -2.75
CA ASP A 47 -8.90 -10.49 -2.17
C ASP A 47 -8.84 -11.35 -0.92
N ARG A 48 -9.82 -11.21 -0.05
CA ARG A 48 -9.85 -11.94 1.21
C ARG A 48 -10.22 -13.42 1.02
N SER A 49 -10.27 -13.88 -0.22
CA SER A 49 -10.57 -15.29 -0.51
C SER A 49 -9.32 -15.96 -1.09
N GLY A 50 -8.21 -15.22 -1.08
CA GLY A 50 -6.98 -15.72 -1.65
C GLY A 50 -6.77 -15.30 -3.10
N ASN A 51 -7.85 -14.89 -3.77
CA ASN A 51 -7.77 -14.43 -5.17
C ASN A 51 -6.88 -13.19 -5.27
N LEU A 52 -5.81 -13.29 -6.05
CA LEU A 52 -4.86 -12.20 -6.19
C LEU A 52 -5.45 -11.01 -6.96
N ILE A 53 -5.03 -9.82 -6.58
CA ILE A 53 -5.47 -8.60 -7.25
C ILE A 53 -4.31 -7.98 -8.02
N ASP A 54 -3.18 -7.80 -7.33
CA ASP A 54 -1.99 -7.20 -7.93
C ASP A 54 -0.80 -7.27 -6.95
N THR A 55 0.36 -6.84 -7.39
CA THR A 55 1.55 -6.87 -6.57
C THR A 55 2.49 -5.72 -6.96
N SER A 56 3.11 -5.08 -5.98
CA SER A 56 3.97 -3.95 -6.25
C SER A 56 5.21 -3.95 -5.35
N THR A 57 6.33 -3.56 -5.92
CA THR A 57 7.58 -3.45 -5.19
C THR A 57 8.09 -2.00 -5.28
N PHE A 58 8.41 -1.39 -4.16
CA PHE A 58 8.83 0.00 -4.17
C PHE A 58 10.32 0.19 -3.89
N TYR A 59 11.01 0.69 -4.91
CA TYR A 59 12.41 1.09 -4.83
C TYR A 59 12.58 2.27 -5.77
N HIS A 60 13.15 3.37 -5.28
CA HIS A 60 13.28 4.57 -6.11
C HIS A 60 14.07 5.64 -5.35
N HIS A 61 13.85 6.89 -5.74
CA HIS A 61 14.43 8.06 -5.09
C HIS A 61 13.95 8.15 -3.65
N ASP A 62 14.65 8.95 -2.86
CA ASP A 62 14.43 9.09 -1.41
C ASP A 62 12.93 9.16 -1.00
N GLU A 63 12.70 8.84 0.30
CA GLU A 63 11.36 8.75 0.96
C GLU A 63 10.29 9.74 0.48
N ASP A 64 10.68 10.94 0.09
CA ASP A 64 9.71 11.95 -0.32
C ASP A 64 8.81 11.44 -1.45
N VAL A 65 9.43 10.78 -2.41
CA VAL A 65 8.71 10.28 -3.57
C VAL A 65 7.82 9.04 -3.25
N LEU A 66 8.27 8.19 -2.30
CA LEU A 66 7.59 6.91 -2.04
C LEU A 66 6.14 7.05 -1.60
N PHE A 67 5.86 7.85 -0.58
CA PHE A 67 4.49 8.00 -0.07
C PHE A 67 3.54 8.58 -1.12
N ASN A 68 4.05 9.52 -1.93
CA ASN A 68 3.23 10.14 -2.97
C ASN A 68 2.75 9.09 -3.99
N MET A 69 3.65 8.20 -4.38
CA MET A 69 3.30 7.13 -5.32
C MET A 69 2.35 6.12 -4.68
N CYS A 70 2.57 5.86 -3.39
CA CYS A 70 1.78 4.87 -2.66
C CYS A 70 0.30 5.22 -2.59
N THR A 71 -0.03 6.50 -2.38
CA THR A 71 -1.43 6.90 -2.24
C THR A 71 -2.16 6.87 -3.60
N ASP A 72 -1.48 7.35 -4.64
CA ASP A 72 -2.06 7.43 -5.98
C ASP A 72 -2.33 6.03 -6.55
N TRP A 73 -1.49 5.09 -6.15
CA TRP A 73 -1.58 3.73 -6.69
C TRP A 73 -2.79 3.01 -6.06
N LEU A 74 -2.91 3.22 -4.75
CA LEU A 74 -3.99 2.62 -3.96
C LEU A 74 -5.35 3.23 -4.36
N ASN A 75 -5.35 4.54 -4.56
CA ASN A 75 -6.56 5.29 -4.95
C ASN A 75 -7.08 4.83 -6.30
N HIS A 76 -6.15 4.50 -7.17
CA HIS A 76 -6.43 4.09 -8.54
C HIS A 76 -7.40 2.89 -8.66
N MET A 77 -7.22 1.90 -7.81
CA MET A 77 -8.04 0.69 -7.92
C MET A 77 -9.46 0.84 -7.36
N TYR A 78 -9.66 1.82 -6.49
CA TYR A 78 -10.97 2.00 -5.86
C TYR A 78 -12.10 2.28 -6.84
N ASP A 79 -11.89 3.18 -7.79
CA ASP A 79 -12.96 3.54 -8.73
C ASP A 79 -13.27 2.40 -9.70
N GLN A 80 -12.23 1.74 -10.16
CA GLN A 80 -12.38 0.63 -11.10
C GLN A 80 -13.25 -0.51 -10.53
N LEU A 81 -13.06 -0.81 -9.25
CA LEU A 81 -13.83 -1.90 -8.61
C LEU A 81 -15.25 -1.43 -8.26
N LYS A 82 -15.48 -0.14 -8.42
CA LYS A 82 -16.80 0.43 -8.17
C LYS A 82 -17.68 0.37 -9.40
N ASP A 83 -17.06 0.11 -10.54
CA ASP A 83 -17.77 0.05 -11.82
C ASP A 83 -18.63 -1.22 -11.93
N TRP A 84 -18.28 -2.25 -11.19
CA TRP A 84 -18.99 -3.52 -11.26
C TRP A 84 -19.80 -3.76 -10.00
N LYS A 85 -21.13 -3.69 -10.14
CA LYS A 85 -22.06 -3.94 -9.02
C LYS A 85 -21.68 -3.12 -7.79
N MET A 1 1.27 -2.10 11.66
CA MET A 1 2.36 -2.80 12.38
C MET A 1 3.10 -1.86 13.33
N GLY A 2 4.07 -2.41 14.06
CA GLY A 2 4.81 -1.63 15.03
C GLY A 2 5.93 -0.80 14.41
N ARG A 3 5.61 -0.09 13.35
CA ARG A 3 6.60 0.75 12.69
C ARG A 3 6.03 2.16 12.54
N LEU A 4 6.78 3.15 12.99
CA LEU A 4 6.30 4.53 12.98
C LEU A 4 7.14 5.42 12.07
N TYR A 5 6.48 6.44 11.54
CA TYR A 5 7.14 7.45 10.72
C TYR A 5 6.61 8.83 11.09
N SER A 6 7.38 9.86 10.78
CA SER A 6 6.97 11.21 11.12
C SER A 6 6.02 11.80 10.06
N GLY A 7 6.57 12.19 8.92
CA GLY A 7 5.76 12.80 7.88
C GLY A 7 5.55 11.88 6.71
N ASN A 8 5.04 10.70 6.98
CA ASN A 8 4.78 9.72 5.94
C ASN A 8 3.35 9.21 6.02
N LEU A 9 3.04 8.58 7.14
CA LEU A 9 1.73 7.99 7.40
C LEU A 9 0.59 9.03 7.49
N ALA A 10 0.89 10.31 7.26
CA ALA A 10 -0.11 11.37 7.35
C ALA A 10 -1.30 11.14 6.39
N ALA A 11 -0.99 10.90 5.12
CA ALA A 11 -2.03 10.64 4.12
C ALA A 11 -2.45 9.18 4.16
N PHE A 12 -1.52 8.35 4.60
CA PHE A 12 -1.72 6.91 4.70
C PHE A 12 -2.92 6.61 5.62
N LYS A 13 -2.95 7.27 6.78
CA LYS A 13 -4.04 7.14 7.73
C LYS A 13 -5.39 7.53 7.11
N ALA A 14 -5.38 8.59 6.30
CA ALA A 14 -6.62 9.09 5.70
C ALA A 14 -7.26 8.05 4.77
N ALA A 15 -6.43 7.35 4.00
CA ALA A 15 -6.91 6.34 3.04
C ALA A 15 -7.45 5.08 3.74
N THR A 16 -6.96 4.84 4.94
CA THR A 16 -7.32 3.64 5.71
C THR A 16 -8.85 3.44 5.85
N ASN A 17 -9.58 4.51 6.14
CA ASN A 17 -11.04 4.42 6.32
C ASN A 17 -11.76 4.04 5.02
N LYS A 18 -11.14 4.34 3.89
CA LYS A 18 -11.75 4.08 2.58
C LYS A 18 -11.86 2.59 2.31
N LEU A 19 -10.87 1.83 2.77
CA LEU A 19 -10.79 0.39 2.52
C LEU A 19 -12.02 -0.34 3.05
N PHE A 20 -12.57 0.14 4.15
CA PHE A 20 -13.74 -0.47 4.74
C PHE A 20 -14.94 -0.39 3.78
N GLN A 21 -14.98 0.66 2.97
CA GLN A 21 -16.07 0.85 2.00
C GLN A 21 -15.88 -0.07 0.77
N LEU A 22 -14.71 -0.70 0.72
CA LEU A 22 -14.39 -1.59 -0.40
C LEU A 22 -14.23 -3.04 0.10
N ASP A 23 -14.27 -3.19 1.43
CA ASP A 23 -14.23 -4.51 2.10
C ASP A 23 -12.97 -5.31 1.75
N LEU A 24 -11.79 -4.73 2.02
CA LEU A 24 -10.53 -5.43 1.74
C LEU A 24 -9.42 -5.08 2.74
N ALA A 25 -8.28 -5.73 2.59
CA ALA A 25 -7.12 -5.51 3.46
C ALA A 25 -5.89 -5.19 2.62
N VAL A 26 -4.76 -4.91 3.28
CA VAL A 26 -3.53 -4.55 2.59
C VAL A 26 -2.29 -4.96 3.39
N ILE A 27 -1.40 -5.73 2.77
CA ILE A 27 -0.16 -6.16 3.44
C ILE A 27 1.08 -5.84 2.62
N TYR A 28 2.18 -5.54 3.30
CA TYR A 28 3.44 -5.25 2.63
C TYR A 28 4.52 -6.23 3.09
N ASP A 29 5.61 -6.31 2.34
CA ASP A 29 6.71 -7.20 2.69
C ASP A 29 7.86 -6.40 3.27
N ASP A 30 8.22 -6.72 4.49
CA ASP A 30 9.39 -6.13 5.15
C ASP A 30 10.66 -6.86 4.67
N TRP A 31 11.84 -6.45 5.17
CA TRP A 31 13.10 -7.03 4.67
C TRP A 31 13.24 -8.50 5.08
N TYR A 32 14.00 -9.26 4.30
CA TYR A 32 14.20 -10.69 4.55
C TYR A 32 15.50 -11.00 5.27
N ASP A 33 16.21 -9.94 5.67
CA ASP A 33 17.47 -10.06 6.44
C ASP A 33 18.54 -10.80 5.64
N ALA A 34 18.44 -10.74 4.32
CA ALA A 34 19.40 -11.41 3.48
C ALA A 34 20.20 -10.44 2.62
N TYR A 35 21.48 -10.26 2.99
CA TYR A 35 22.43 -9.43 2.21
C TYR A 35 22.48 -9.81 0.71
N THR A 36 21.95 -10.98 0.37
CA THR A 36 21.94 -11.44 -1.00
C THR A 36 20.63 -11.04 -1.68
N ARG A 37 19.73 -10.44 -0.91
CA ARG A 37 18.44 -10.00 -1.40
C ARG A 37 18.35 -8.48 -1.40
N LYS A 38 17.91 -7.92 -2.50
CA LYS A 38 17.69 -6.49 -2.61
C LYS A 38 16.19 -6.20 -2.60
N ASP A 39 15.73 -5.52 -1.56
CA ASP A 39 14.30 -5.24 -1.40
C ASP A 39 14.09 -3.95 -0.59
N CYS A 40 12.83 -3.54 -0.46
CA CYS A 40 12.49 -2.35 0.30
C CYS A 40 11.02 -2.39 0.77
N ILE A 41 10.10 -1.89 -0.05
CA ILE A 41 8.67 -1.90 0.30
C ILE A 41 7.88 -2.58 -0.80
N ARG A 42 7.32 -3.74 -0.54
CA ARG A 42 6.46 -4.39 -1.54
C ARG A 42 5.03 -4.34 -1.06
N LEU A 43 4.13 -3.82 -1.89
CA LEU A 43 2.73 -3.72 -1.50
C LEU A 43 1.91 -4.80 -2.21
N ARG A 44 1.41 -5.76 -1.44
CA ARG A 44 0.63 -6.87 -1.99
C ARG A 44 -0.85 -6.76 -1.61
N ILE A 45 -1.71 -6.78 -2.61
CA ILE A 45 -3.14 -6.79 -2.37
C ILE A 45 -3.70 -8.16 -2.79
N GLU A 46 -4.40 -8.81 -1.89
CA GLU A 46 -4.96 -10.12 -2.17
C GLU A 46 -6.35 -10.25 -1.56
N ASP A 47 -6.96 -11.41 -1.71
CA ASP A 47 -8.30 -11.61 -1.22
C ASP A 47 -8.40 -12.79 -0.25
N ARG A 48 -9.34 -12.70 0.67
CA ARG A 48 -9.55 -13.73 1.69
C ARG A 48 -10.62 -14.74 1.27
N SER A 49 -11.01 -14.69 0.01
CA SER A 49 -12.02 -15.60 -0.50
C SER A 49 -11.40 -16.44 -1.61
N GLY A 50 -10.06 -16.50 -1.59
CA GLY A 50 -9.33 -17.27 -2.57
C GLY A 50 -9.19 -16.56 -3.89
N ASN A 51 -8.59 -15.37 -3.88
CA ASN A 51 -8.38 -14.60 -5.10
C ASN A 51 -7.09 -13.80 -5.01
N LEU A 52 -6.52 -13.49 -6.16
CA LEU A 52 -5.30 -12.70 -6.24
C LEU A 52 -5.62 -11.36 -6.87
N ILE A 53 -5.24 -10.27 -6.22
CA ILE A 53 -5.62 -8.96 -6.71
C ILE A 53 -4.48 -8.23 -7.43
N ASP A 54 -3.39 -7.94 -6.72
CA ASP A 54 -2.28 -7.20 -7.33
C ASP A 54 -1.00 -7.27 -6.48
N THR A 55 0.12 -6.84 -7.06
CA THR A 55 1.40 -6.84 -6.40
C THR A 55 2.29 -5.71 -6.98
N SER A 56 3.08 -5.06 -6.13
CA SER A 56 3.94 -3.97 -6.58
C SER A 56 5.18 -3.85 -5.69
N THR A 57 6.28 -3.37 -6.25
CA THR A 57 7.51 -3.17 -5.52
C THR A 57 7.93 -1.69 -5.57
N PHE A 58 8.09 -1.08 -4.41
CA PHE A 58 8.42 0.32 -4.33
C PHE A 58 9.83 0.56 -3.78
N TYR A 59 10.65 1.19 -4.60
CA TYR A 59 11.98 1.65 -4.22
C TYR A 59 12.34 2.83 -5.11
N HIS A 60 12.78 3.93 -4.51
CA HIS A 60 13.01 5.13 -5.28
C HIS A 60 13.72 6.20 -4.42
N HIS A 61 13.74 7.42 -4.93
CA HIS A 61 14.25 8.59 -4.23
C HIS A 61 13.45 8.83 -2.96
N ASP A 62 13.96 9.72 -2.10
CA ASP A 62 13.45 9.93 -0.71
C ASP A 62 11.93 9.84 -0.59
N GLU A 63 11.53 9.25 0.55
CA GLU A 63 10.15 8.94 0.95
C GLU A 63 9.10 10.00 0.58
N ASP A 64 9.52 11.25 0.42
CA ASP A 64 8.61 12.31 0.03
C ASP A 64 7.87 11.94 -1.25
N VAL A 65 8.62 11.53 -2.25
CA VAL A 65 8.06 11.12 -3.53
C VAL A 65 7.40 9.72 -3.44
N LEU A 66 7.99 8.86 -2.61
CA LEU A 66 7.59 7.45 -2.54
C LEU A 66 6.13 7.26 -2.07
N PHE A 67 5.79 7.79 -0.91
CA PHE A 67 4.45 7.59 -0.36
C PHE A 67 3.38 8.37 -1.10
N ASN A 68 3.76 9.46 -1.75
CA ASN A 68 2.80 10.25 -2.52
C ASN A 68 2.18 9.40 -3.63
N MET A 69 3.02 8.60 -4.27
CA MET A 69 2.56 7.67 -5.31
C MET A 69 1.69 6.56 -4.71
N CYS A 70 2.04 6.12 -3.51
CA CYS A 70 1.38 4.98 -2.87
C CYS A 70 -0.12 5.22 -2.59
N THR A 71 -0.48 6.41 -2.13
CA THR A 71 -1.88 6.68 -1.81
C THR A 71 -2.73 6.69 -3.10
N ASP A 72 -2.15 7.23 -4.16
CA ASP A 72 -2.79 7.28 -5.48
C ASP A 72 -2.97 5.88 -6.05
N TRP A 73 -2.08 4.99 -5.64
CA TRP A 73 -2.06 3.64 -6.19
C TRP A 73 -3.25 2.85 -5.61
N LEU A 74 -3.43 3.02 -4.31
CA LEU A 74 -4.51 2.36 -3.58
C LEU A 74 -5.87 2.86 -4.08
N ASN A 75 -6.00 4.18 -4.19
CA ASN A 75 -7.23 4.81 -4.71
C ASN A 75 -7.52 4.39 -6.14
N HIS A 76 -6.46 4.16 -6.89
CA HIS A 76 -6.55 3.79 -8.30
C HIS A 76 -7.41 2.52 -8.54
N MET A 77 -7.30 1.53 -7.69
CA MET A 77 -8.03 0.28 -7.89
C MET A 77 -9.51 0.38 -7.49
N TYR A 78 -9.87 1.36 -6.65
CA TYR A 78 -11.27 1.48 -6.18
C TYR A 78 -12.25 1.59 -7.32
N ASP A 79 -12.00 2.50 -8.25
CA ASP A 79 -12.89 2.74 -9.38
C ASP A 79 -13.00 1.51 -10.27
N GLN A 80 -11.86 0.87 -10.50
CA GLN A 80 -11.79 -0.32 -11.34
C GLN A 80 -12.68 -1.45 -10.84
N LEU A 81 -12.89 -1.52 -9.53
CA LEU A 81 -13.72 -2.59 -8.95
C LEU A 81 -15.18 -2.17 -8.79
N LYS A 82 -15.46 -0.92 -9.12
CA LYS A 82 -16.82 -0.38 -8.97
C LYS A 82 -17.74 -0.68 -10.17
N ASP A 83 -17.24 -0.41 -11.37
CA ASP A 83 -18.05 -0.50 -12.60
C ASP A 83 -17.31 -1.22 -13.73
N TRP A 84 -16.61 -2.31 -13.45
CA TRP A 84 -15.82 -2.99 -14.49
C TRP A 84 -16.69 -3.90 -15.37
N LYS A 85 -17.84 -3.35 -15.82
CA LYS A 85 -18.80 -4.02 -16.74
C LYS A 85 -18.20 -5.21 -17.51
N MET A 1 9.96 -9.43 8.55
CA MET A 1 10.97 -9.28 9.62
C MET A 1 10.73 -8.03 10.46
N GLY A 2 10.33 -6.94 9.80
CA GLY A 2 10.11 -5.70 10.52
C GLY A 2 8.87 -4.96 10.07
N ARG A 3 8.70 -3.76 10.62
CA ARG A 3 7.58 -2.88 10.29
C ARG A 3 7.82 -1.51 10.93
N LEU A 4 8.00 -0.50 10.09
CA LEU A 4 8.24 0.85 10.60
C LEU A 4 6.92 1.61 10.80
N TYR A 5 6.90 2.50 11.79
CA TYR A 5 5.72 3.30 12.07
C TYR A 5 6.14 4.70 12.50
N SER A 6 5.53 5.73 11.91
CA SER A 6 5.86 7.10 12.23
C SER A 6 4.78 8.05 11.66
N GLY A 7 5.13 9.31 11.48
CA GLY A 7 4.22 10.28 10.91
C GLY A 7 4.23 10.25 9.39
N ASN A 8 3.80 11.36 8.78
CA ASN A 8 3.76 11.51 7.29
C ASN A 8 2.64 10.66 6.67
N LEU A 9 2.05 9.80 7.48
CA LEU A 9 0.99 8.89 7.04
C LEU A 9 -0.39 9.57 6.99
N ALA A 10 -0.43 10.89 7.15
CA ALA A 10 -1.71 11.62 7.22
C ALA A 10 -2.62 11.32 6.02
N ALA A 11 -2.09 11.39 4.81
CA ALA A 11 -2.89 11.07 3.62
C ALA A 11 -2.94 9.55 3.40
N PHE A 12 -1.87 8.90 3.84
CA PHE A 12 -1.74 7.45 3.73
C PHE A 12 -2.92 6.75 4.45
N LYS A 13 -3.21 7.19 5.68
CA LYS A 13 -4.31 6.65 6.49
C LYS A 13 -5.67 6.82 5.81
N ALA A 14 -5.85 7.92 5.08
CA ALA A 14 -7.11 8.18 4.40
C ALA A 14 -7.44 7.07 3.41
N ALA A 15 -6.42 6.59 2.72
CA ALA A 15 -6.58 5.49 1.76
C ALA A 15 -6.86 4.17 2.50
N THR A 16 -6.36 4.06 3.72
CA THR A 16 -6.50 2.86 4.53
C THR A 16 -7.98 2.59 4.91
N ASN A 17 -8.67 3.65 5.32
CA ASN A 17 -10.07 3.55 5.77
C ASN A 17 -10.96 3.00 4.65
N LYS A 18 -10.58 3.29 3.43
CA LYS A 18 -11.30 2.86 2.24
C LYS A 18 -11.33 1.33 2.11
N LEU A 19 -10.25 0.67 2.55
CA LEU A 19 -10.08 -0.78 2.36
C LEU A 19 -11.30 -1.57 2.88
N PHE A 20 -11.72 -1.25 4.10
CA PHE A 20 -12.85 -1.95 4.71
C PHE A 20 -14.15 -1.67 3.98
N GLN A 21 -14.24 -0.49 3.39
CA GLN A 21 -15.45 -0.03 2.72
C GLN A 21 -15.83 -0.91 1.52
N LEU A 22 -14.84 -1.45 0.82
CA LEU A 22 -15.14 -2.26 -0.35
C LEU A 22 -14.82 -3.74 -0.09
N ASP A 23 -14.44 -4.05 1.16
CA ASP A 23 -14.14 -5.43 1.60
C ASP A 23 -12.83 -5.96 0.99
N LEU A 24 -11.82 -5.10 0.99
CA LEU A 24 -10.50 -5.49 0.49
C LEU A 24 -9.42 -4.98 1.43
N ALA A 25 -8.20 -5.46 1.28
CA ALA A 25 -7.11 -5.02 2.15
C ALA A 25 -5.76 -5.19 1.48
N VAL A 26 -4.81 -4.34 1.86
CA VAL A 26 -3.46 -4.41 1.33
C VAL A 26 -2.48 -4.59 2.49
N ILE A 27 -1.50 -5.45 2.29
CA ILE A 27 -0.49 -5.68 3.30
C ILE A 27 0.88 -5.26 2.79
N TYR A 28 1.65 -4.64 3.65
CA TYR A 28 2.97 -4.16 3.30
C TYR A 28 4.01 -4.84 4.16
N ASP A 29 5.22 -4.88 3.67
CA ASP A 29 6.32 -5.48 4.40
C ASP A 29 7.58 -4.67 4.19
N ASP A 30 8.33 -4.44 5.27
CA ASP A 30 9.54 -3.63 5.22
C ASP A 30 10.53 -4.12 6.26
N TRP A 31 11.81 -4.22 5.87
CA TRP A 31 12.92 -4.57 6.76
C TRP A 31 13.16 -6.07 6.74
N TYR A 32 14.26 -6.43 6.13
CA TYR A 32 14.65 -7.82 5.95
C TYR A 32 16.16 -7.92 5.93
N ASP A 33 16.68 -9.05 5.46
CA ASP A 33 18.13 -9.25 5.38
C ASP A 33 18.75 -8.21 4.45
N ALA A 34 19.61 -7.38 5.03
CA ALA A 34 20.24 -6.27 4.33
C ALA A 34 21.16 -5.51 5.26
N TYR A 35 22.36 -6.05 5.47
CA TYR A 35 23.34 -5.44 6.34
C TYR A 35 23.71 -4.03 5.86
N THR A 36 23.78 -3.87 4.54
CA THR A 36 24.12 -2.59 3.92
C THR A 36 23.04 -1.52 4.13
N ARG A 37 21.86 -1.92 4.65
CA ARG A 37 20.74 -1.00 4.91
C ARG A 37 20.12 -0.51 3.61
N LYS A 38 19.18 0.44 3.74
CA LYS A 38 18.50 1.08 2.60
C LYS A 38 17.61 0.08 1.84
N ASP A 39 16.77 -0.61 2.60
CA ASP A 39 15.86 -1.61 2.03
C ASP A 39 14.64 -0.93 1.38
N CYS A 40 13.76 -1.73 0.79
CA CYS A 40 12.61 -1.19 0.05
C CYS A 40 11.26 -1.53 0.71
N ILE A 41 10.19 -1.39 -0.07
CA ILE A 41 8.82 -1.58 0.43
C ILE A 41 7.97 -2.27 -0.64
N ARG A 42 7.19 -3.27 -0.23
CA ARG A 42 6.36 -4.02 -1.17
C ARG A 42 4.89 -4.00 -0.75
N LEU A 43 4.00 -3.79 -1.74
CA LEU A 43 2.55 -3.77 -1.50
C LEU A 43 1.91 -5.03 -2.09
N ARG A 44 1.19 -5.77 -1.26
CA ARG A 44 0.50 -6.96 -1.72
C ARG A 44 -1.01 -6.88 -1.45
N ILE A 45 -1.80 -7.02 -2.51
CA ILE A 45 -3.26 -7.00 -2.41
C ILE A 45 -3.77 -8.43 -2.36
N GLU A 46 -4.65 -8.74 -1.43
CA GLU A 46 -5.13 -10.10 -1.27
C GLU A 46 -6.65 -10.10 -1.15
N ASP A 47 -7.28 -11.13 -1.68
CA ASP A 47 -8.73 -11.27 -1.62
C ASP A 47 -9.14 -11.90 -0.30
N ARG A 48 -10.40 -11.76 0.08
CA ARG A 48 -10.88 -12.27 1.35
C ARG A 48 -11.28 -13.75 1.27
N SER A 49 -11.03 -14.37 0.13
CA SER A 49 -11.36 -15.77 -0.07
C SER A 49 -10.06 -16.56 -0.31
N GLY A 50 -8.95 -15.98 0.11
CA GLY A 50 -7.64 -16.62 -0.07
C GLY A 50 -6.96 -16.22 -1.37
N ASN A 51 -7.76 -16.00 -2.41
CA ASN A 51 -7.26 -15.59 -3.73
C ASN A 51 -6.33 -14.36 -3.65
N LEU A 52 -5.44 -14.25 -4.61
CA LEU A 52 -4.51 -13.13 -4.68
C LEU A 52 -4.90 -12.18 -5.81
N ILE A 53 -4.84 -10.89 -5.54
CA ILE A 53 -5.28 -9.90 -6.51
C ILE A 53 -4.12 -9.36 -7.35
N ASP A 54 -3.15 -8.73 -6.70
CA ASP A 54 -2.03 -8.12 -7.42
C ASP A 54 -0.88 -7.81 -6.46
N THR A 55 0.27 -7.44 -7.01
CA THR A 55 1.45 -7.13 -6.22
C THR A 55 2.25 -6.02 -6.88
N SER A 56 2.80 -5.12 -6.08
CA SER A 56 3.59 -4.02 -6.61
C SER A 56 4.76 -3.70 -5.68
N THR A 57 5.92 -3.49 -6.26
CA THR A 57 7.10 -3.14 -5.50
C THR A 57 7.63 -1.77 -5.97
N PHE A 58 7.86 -0.88 -5.03
CA PHE A 58 8.31 0.46 -5.35
C PHE A 58 9.74 0.66 -4.87
N TYR A 59 10.59 1.18 -5.73
CA TYR A 59 11.96 1.44 -5.35
C TYR A 59 12.50 2.74 -5.95
N HIS A 60 12.71 3.70 -5.09
CA HIS A 60 13.30 5.01 -5.42
C HIS A 60 13.78 5.59 -4.11
N HIS A 61 14.91 6.24 -4.09
CA HIS A 61 15.35 6.79 -2.82
C HIS A 61 14.91 8.23 -2.63
N ASP A 62 13.64 8.39 -2.31
CA ASP A 62 13.08 9.66 -1.90
C ASP A 62 11.99 9.42 -0.88
N GLU A 63 12.17 9.94 0.29
CA GLU A 63 11.23 9.73 1.39
C GLU A 63 9.80 10.21 1.06
N ASP A 64 9.67 11.43 0.56
CA ASP A 64 8.33 11.98 0.27
C ASP A 64 7.67 11.26 -0.91
N VAL A 65 8.40 11.12 -2.01
CA VAL A 65 7.89 10.47 -3.21
C VAL A 65 7.46 9.03 -2.96
N LEU A 66 8.27 8.28 -2.20
CA LEU A 66 8.01 6.85 -1.98
C LEU A 66 6.61 6.64 -1.39
N PHE A 67 6.34 7.27 -0.25
CA PHE A 67 5.02 7.20 0.39
C PHE A 67 3.88 7.68 -0.51
N ASN A 68 4.06 8.82 -1.17
CA ASN A 68 3.00 9.38 -2.01
C ASN A 68 2.64 8.44 -3.18
N MET A 69 3.66 7.90 -3.83
CA MET A 69 3.44 6.93 -4.93
C MET A 69 2.60 5.74 -4.46
N CYS A 70 2.89 5.27 -3.26
CA CYS A 70 2.21 4.10 -2.71
C CYS A 70 0.72 4.36 -2.45
N THR A 71 0.38 5.54 -1.93
CA THR A 71 -0.99 5.84 -1.56
C THR A 71 -1.89 6.14 -2.77
N ASP A 72 -1.34 6.78 -3.81
CA ASP A 72 -2.14 7.18 -4.98
C ASP A 72 -2.74 5.97 -5.70
N TRP A 73 -1.90 4.98 -6.03
CA TRP A 73 -2.32 3.76 -6.72
C TRP A 73 -3.41 3.00 -5.94
N LEU A 74 -3.33 3.02 -4.62
CA LEU A 74 -4.29 2.28 -3.79
C LEU A 74 -5.71 2.85 -3.96
N ASN A 75 -5.83 4.17 -3.96
CA ASN A 75 -7.13 4.83 -4.16
C ASN A 75 -7.66 4.52 -5.55
N HIS A 76 -6.72 4.45 -6.48
CA HIS A 76 -7.00 4.16 -7.88
C HIS A 76 -7.74 2.82 -8.06
N MET A 77 -7.50 1.87 -7.15
CA MET A 77 -8.11 0.55 -7.27
C MET A 77 -9.63 0.64 -7.14
N TYR A 78 -10.06 1.50 -6.23
CA TYR A 78 -11.47 1.68 -5.92
C TYR A 78 -12.23 2.24 -7.10
N ASP A 79 -11.60 3.14 -7.83
CA ASP A 79 -12.23 3.84 -8.96
C ASP A 79 -12.60 2.85 -10.08
N GLN A 80 -11.94 1.71 -10.11
CA GLN A 80 -12.18 0.72 -11.17
C GLN A 80 -13.19 -0.34 -10.70
N LEU A 81 -13.04 -0.76 -9.45
CA LEU A 81 -13.91 -1.78 -8.88
C LEU A 81 -15.34 -1.26 -8.71
N LYS A 82 -15.47 0.01 -8.43
CA LYS A 82 -16.78 0.64 -8.31
C LYS A 82 -17.53 0.65 -9.65
N ASP A 83 -16.81 0.85 -10.75
CA ASP A 83 -17.43 0.88 -12.08
C ASP A 83 -17.99 -0.49 -12.51
N TRP A 84 -17.26 -1.56 -12.18
CA TRP A 84 -17.71 -2.91 -12.53
C TRP A 84 -18.39 -3.56 -11.33
N LYS A 85 -19.48 -4.26 -11.57
CA LYS A 85 -20.27 -4.85 -10.48
C LYS A 85 -20.50 -3.82 -9.37
#